data_4LHW
#
_entry.id   4LHW
#
_cell.length_a   90.381
_cell.length_b   96.676
_cell.length_c   105.090
_cell.angle_alpha   90.00
_cell.angle_beta   90.00
_cell.angle_gamma   90.00
#
_symmetry.space_group_name_H-M   'P 21 21 21'
#
loop_
_entity.id
_entity.type
_entity.pdbx_description
1 polymer 'Ras-related protein Rab-8A'
2 non-polymer 'MAGNESIUM ION'
3 non-polymer 'PHOSPHOAMINOPHOSPHONIC ACID-GUANYLATE ESTER'
4 non-polymer (4S)-2-METHYL-2,4-PENTANEDIOL
5 water water
#
_entity_poly.entity_id   1
_entity_poly.type   'polypeptide(L)'
_entity_poly.pdbx_seq_one_letter_code
;GSHDYLFKLLLIGDSGVGKTCVLFRFSEDAFNSTFISTIGIDFKIRTIELDGKRIKLQIWDTAGQERFRTITTAYYRGAM
GIMLVYDITNEKSFDNIRNWIRNIEEHASADVEKMILGNKCDVNDKRQVSKERGEKLALDYGIKFMETSAKANINVENAF
FTLARDIKAKMDKK
;
_entity_poly.pdbx_strand_id   A,B,C,D,E
#
loop_
_chem_comp.id
_chem_comp.type
_chem_comp.name
_chem_comp.formula
GNP non-polymer 'PHOSPHOAMINOPHOSPHONIC ACID-GUANYLATE ESTER' 'C10 H17 N6 O13 P3'
MG non-polymer 'MAGNESIUM ION' 'Mg 2'
MPD non-polymer (4S)-2-METHYL-2,4-PENTANEDIOL 'C6 H14 O2'
#
# COMPACT_ATOMS: atom_id res chain seq x y z
N ASP A 4 -9.44 -8.65 31.30
CA ASP A 4 -10.19 -7.81 30.33
C ASP A 4 -9.21 -6.98 29.49
N TYR A 5 -8.14 -7.63 29.05
CA TYR A 5 -7.24 -7.05 28.05
C TYR A 5 -7.78 -7.44 26.66
N LEU A 6 -7.52 -6.61 25.66
CA LEU A 6 -7.82 -6.95 24.27
C LEU A 6 -6.61 -6.62 23.43
N PHE A 7 -5.96 -7.65 22.90
CA PHE A 7 -4.78 -7.43 22.08
C PHE A 7 -5.06 -7.75 20.63
N LYS A 8 -4.82 -6.77 19.78
CA LYS A 8 -5.03 -6.91 18.35
C LYS A 8 -3.71 -7.32 17.70
N LEU A 9 -3.71 -8.51 17.11
CA LEU A 9 -2.52 -9.07 16.50
C LEU A 9 -2.71 -9.15 14.99
N LEU A 10 -1.58 -9.13 14.27
CA LEU A 10 -1.61 -9.20 12.80
C LEU A 10 -0.53 -10.15 12.34
N LEU A 11 -0.90 -11.04 11.40
CA LEU A 11 0.07 -11.95 10.78
C LEU A 11 0.47 -11.37 9.42
N ILE A 12 1.77 -11.28 9.18
CA ILE A 12 2.27 -10.81 7.89
C ILE A 12 3.38 -11.75 7.37
N GLY A 13 3.62 -11.66 6.08
CA GLY A 13 4.61 -12.49 5.40
C GLY A 13 4.14 -12.91 4.02
N ASP A 14 5.06 -13.44 3.22
CA ASP A 14 4.76 -13.80 1.84
C ASP A 14 3.63 -14.82 1.73
N SER A 15 2.94 -14.80 0.60
CA SER A 15 1.95 -15.81 0.33
C SER A 15 2.57 -17.21 0.34
N GLY A 16 1.92 -18.12 1.04
CA GLY A 16 2.29 -19.52 1.07
C GLY A 16 3.11 -19.94 2.27
N VAL A 17 3.48 -18.99 3.13
CA VAL A 17 4.38 -19.31 4.26
C VAL A 17 3.66 -20.06 5.37
N GLY A 18 2.33 -19.94 5.42
CA GLY A 18 1.53 -20.63 6.41
C GLY A 18 0.88 -19.78 7.46
N LYS A 19 0.66 -18.49 7.18
CA LYS A 19 -0.01 -17.59 8.17
C LYS A 19 -1.38 -18.11 8.59
N THR A 20 -2.21 -18.44 7.61
CA THR A 20 -3.55 -18.93 7.87
C THR A 20 -3.52 -20.25 8.64
N CYS A 21 -2.62 -21.15 8.26
CA CYS A 21 -2.52 -22.42 8.94
C CYS A 21 -2.03 -22.28 10.38
N VAL A 22 -1.08 -21.39 10.62
CA VAL A 22 -0.64 -21.14 11.98
C VAL A 22 -1.82 -20.65 12.82
N LEU A 23 -2.61 -19.73 12.29
CA LEU A 23 -3.79 -19.24 13.02
C LEU A 23 -4.85 -20.34 13.19
N PHE A 24 -5.04 -21.14 12.15
CA PHE A 24 -6.04 -22.20 12.21
C PHE A 24 -5.66 -23.24 13.28
N ARG A 25 -4.38 -23.53 13.42
CA ARG A 25 -3.94 -24.41 14.49
C ARG A 25 -4.23 -23.78 15.87
N PHE A 26 -3.88 -22.52 16.00
CA PHE A 26 -4.07 -21.79 17.26
C PHE A 26 -5.54 -21.68 17.68
N SER A 27 -6.39 -21.36 16.72
CA SER A 27 -7.79 -21.09 17.01
C SER A 27 -8.71 -22.29 16.94
N GLU A 28 -8.40 -23.24 16.05
CA GLU A 28 -9.29 -24.37 15.76
C GLU A 28 -8.68 -25.75 16.05
N ASP A 29 -7.41 -25.77 16.47
CA ASP A 29 -6.65 -26.99 16.73
C ASP A 29 -6.76 -28.04 15.62
N ALA A 30 -6.42 -27.60 14.41
CA ALA A 30 -6.47 -28.48 13.26
C ALA A 30 -5.49 -27.98 12.23
N PHE A 31 -5.24 -28.84 11.24
CA PHE A 31 -4.37 -28.54 10.12
C PHE A 31 -4.96 -29.07 8.83
N ASN A 32 -5.00 -28.24 7.80
CA ASN A 32 -5.42 -28.63 6.47
C ASN A 32 -4.27 -28.38 5.50
N SER A 33 -4.01 -29.35 4.63
CA SER A 33 -2.92 -29.27 3.68
C SER A 33 -3.28 -28.42 2.46
N THR A 34 -4.54 -28.02 2.33
CA THR A 34 -4.92 -27.20 1.19
C THR A 34 -4.35 -25.80 1.28
N PHE A 35 -4.12 -25.21 0.11
CA PHE A 35 -3.59 -23.84 -0.03
C PHE A 35 -4.65 -23.02 -0.75
N ILE A 36 -5.39 -22.24 0.01
CA ILE A 36 -6.32 -21.27 -0.57
C ILE A 36 -5.85 -19.92 -0.06
N SER A 37 -5.30 -19.13 -0.97
CA SER A 37 -4.83 -17.82 -0.58
C SER A 37 -5.96 -17.01 0.05
N THR A 38 -5.60 -16.26 1.09
CA THR A 38 -6.58 -15.55 1.89
C THR A 38 -7.22 -14.41 1.13
N ILE A 39 -8.54 -14.30 1.25
CA ILE A 39 -9.35 -13.30 0.58
C ILE A 39 -9.74 -12.24 1.62
N GLY A 40 -9.45 -10.99 1.31
CA GLY A 40 -9.75 -9.86 2.19
C GLY A 40 -8.97 -9.89 3.48
N ILE A 41 -9.62 -9.39 4.53
CA ILE A 41 -9.03 -9.32 5.84
C ILE A 41 -10.09 -9.66 6.88
N ASP A 42 -9.73 -10.52 7.82
CA ASP A 42 -10.68 -10.99 8.85
C ASP A 42 -9.87 -11.45 10.04
N PHE A 43 -10.57 -11.81 11.11
CA PHE A 43 -9.94 -12.17 12.37
C PHE A 43 -10.54 -13.43 12.98
N LYS A 44 -9.77 -13.99 13.90
CA LYS A 44 -10.24 -14.98 14.85
C LYS A 44 -10.05 -14.46 16.25
N ILE A 45 -10.86 -14.96 17.19
CA ILE A 45 -10.75 -14.59 18.60
C ILE A 45 -10.38 -15.81 19.42
N ARG A 46 -9.38 -15.66 20.28
CA ARG A 46 -9.12 -16.64 21.33
C ARG A 46 -8.71 -15.91 22.59
N THR A 47 -9.37 -16.25 23.70
CA THR A 47 -9.09 -15.67 24.99
C THR A 47 -8.20 -16.64 25.75
N ILE A 48 -7.06 -16.15 26.21
CA ILE A 48 -6.10 -16.90 27.00
C ILE A 48 -6.02 -16.28 28.39
N GLU A 49 -5.29 -16.91 29.28
CA GLU A 49 -5.10 -16.40 30.63
C GLU A 49 -3.62 -16.17 30.87
N LEU A 50 -3.29 -14.97 31.36
CA LEU A 50 -1.93 -14.61 31.76
C LEU A 50 -2.03 -13.91 33.11
N ASP A 51 -1.24 -14.38 34.07
CA ASP A 51 -1.20 -13.78 35.42
C ASP A 51 -2.60 -13.71 36.03
N GLY A 52 -3.40 -14.73 35.76
CA GLY A 52 -4.77 -14.81 36.24
C GLY A 52 -5.78 -13.89 35.58
N LYS A 53 -5.36 -13.17 34.52
CA LYS A 53 -6.22 -12.22 33.85
C LYS A 53 -6.61 -12.77 32.48
N ARG A 54 -7.79 -12.38 32.02
CA ARG A 54 -8.28 -12.82 30.72
C ARG A 54 -7.78 -11.87 29.64
N ILE A 55 -7.13 -12.44 28.64
CA ILE A 55 -6.55 -11.69 27.56
C ILE A 55 -7.25 -12.14 26.27
N LYS A 56 -8.08 -11.26 25.72
CA LYS A 56 -8.74 -11.58 24.47
C LYS A 56 -7.79 -11.24 23.33
N LEU A 57 -7.44 -12.24 22.52
CA LEU A 57 -6.61 -12.02 21.35
C LEU A 57 -7.48 -11.95 20.12
N GLN A 58 -7.43 -10.85 19.41
CA GLN A 58 -8.14 -10.69 18.15
C GLN A 58 -7.06 -10.72 17.10
N ILE A 59 -6.99 -11.83 16.34
CA ILE A 59 -5.87 -12.06 15.46
C ILE A 59 -6.33 -11.95 14.03
N TRP A 60 -5.73 -10.97 13.34
CA TRP A 60 -6.10 -10.59 11.98
C TRP A 60 -5.17 -11.28 10.99
N ASP A 61 -5.77 -11.79 9.92
CA ASP A 61 -5.09 -12.53 8.85
C ASP A 61 -5.54 -11.95 7.48
N THR A 62 -4.57 -11.72 6.64
CA THR A 62 -4.83 -11.24 5.31
C THR A 62 -3.74 -11.87 4.40
N ALA A 63 -3.96 -11.83 3.10
CA ALA A 63 -3.06 -12.48 2.19
C ALA A 63 -1.78 -11.69 2.05
N GLY A 64 -0.72 -12.43 1.78
CA GLY A 64 0.50 -11.87 1.28
C GLY A 64 0.42 -11.47 -0.18
N GLN A 65 -0.78 -11.16 -0.66
CA GLN A 65 -1.03 -10.77 -2.05
C GLN A 65 -0.26 -9.49 -2.41
N GLU A 66 0.39 -9.50 -3.55
CA GLU A 66 1.18 -8.37 -3.98
C GLU A 66 0.35 -7.21 -4.55
N ARG A 67 -0.77 -7.53 -5.21
CA ARG A 67 -1.51 -6.54 -6.01
C ARG A 67 -1.78 -5.20 -5.30
N PHE A 68 -2.25 -5.30 -4.07
CA PHE A 68 -2.63 -4.12 -3.30
C PHE A 68 -1.76 -3.93 -2.07
N ARG A 69 -0.55 -4.48 -2.09
CA ARG A 69 0.31 -4.48 -0.90
C ARG A 69 0.65 -3.05 -0.43
N THR A 70 0.77 -2.13 -1.37
CA THR A 70 1.06 -0.75 -1.00
C THR A 70 -0.13 -0.13 -0.25
N ILE A 71 -1.37 -0.45 -0.65
CA ILE A 71 -2.57 0.05 0.03
C ILE A 71 -2.74 -0.60 1.41
N THR A 72 -2.49 -1.90 1.49
CA THR A 72 -2.79 -2.63 2.74
C THR A 72 -1.75 -2.43 3.87
N THR A 73 -0.79 -1.55 3.66
CA THR A 73 0.07 -1.09 4.70
C THR A 73 -0.78 -0.34 5.72
N ALA A 74 -1.95 0.09 5.32
CA ALA A 74 -2.90 0.69 6.25
C ALA A 74 -3.17 -0.17 7.49
N TYR A 75 -3.15 -1.47 7.31
CA TYR A 75 -3.53 -2.40 8.35
C TYR A 75 -2.54 -2.46 9.51
N TYR A 76 -1.32 -1.98 9.33
CA TYR A 76 -0.31 -2.06 10.38
C TYR A 76 -0.63 -1.18 11.58
N ARG A 77 -1.31 -0.07 11.34
CA ARG A 77 -1.51 0.98 12.36
C ARG A 77 -2.17 0.47 13.64
N GLY A 78 -3.19 -0.38 13.48
CA GLY A 78 -3.95 -0.87 14.63
C GLY A 78 -3.37 -2.08 15.34
N ALA A 79 -2.28 -2.62 14.83
CA ALA A 79 -1.68 -3.79 15.44
C ALA A 79 -0.92 -3.48 16.74
N MET A 80 -1.14 -4.34 17.74
CA MET A 80 -0.39 -4.28 18.99
C MET A 80 0.76 -5.28 19.00
N GLY A 81 0.60 -6.36 18.23
CA GLY A 81 1.68 -7.28 18.00
C GLY A 81 1.57 -7.81 16.58
N ILE A 82 2.72 -8.16 16.01
CA ILE A 82 2.83 -8.65 14.63
C ILE A 82 3.70 -9.87 14.61
N MET A 83 3.18 -10.93 13.99
CA MET A 83 3.97 -12.11 13.65
C MET A 83 4.44 -11.95 12.22
N LEU A 84 5.75 -11.99 12.03
CA LEU A 84 6.37 -11.97 10.72
C LEU A 84 6.77 -13.40 10.37
N VAL A 85 6.11 -13.98 9.38
CA VAL A 85 6.23 -15.39 9.09
C VAL A 85 6.98 -15.62 7.79
N TYR A 86 7.95 -16.54 7.83
CA TYR A 86 8.53 -17.08 6.59
C TYR A 86 8.40 -18.61 6.61
N ASP A 87 8.80 -19.24 5.50
CA ASP A 87 8.76 -20.66 5.30
C ASP A 87 10.20 -21.13 5.24
N ILE A 88 10.59 -22.01 6.16
CA ILE A 88 12.00 -22.45 6.22
C ILE A 88 12.44 -23.20 4.96
N THR A 89 11.48 -23.67 4.17
CA THR A 89 11.78 -24.35 2.89
C THR A 89 11.88 -23.39 1.70
N ASN A 90 11.78 -22.09 1.93
CA ASN A 90 11.68 -21.09 0.84
C ASN A 90 12.54 -19.87 1.15
N GLU A 91 13.74 -19.84 0.60
CA GLU A 91 14.68 -18.77 0.84
C GLU A 91 14.10 -17.40 0.54
N LYS A 92 13.35 -17.27 -0.55
CA LYS A 92 12.80 -15.98 -0.92
C LYS A 92 11.93 -15.39 0.19
N SER A 93 11.14 -16.23 0.84
CA SER A 93 10.23 -15.76 1.87
C SER A 93 11.00 -15.20 3.05
N PHE A 94 12.19 -15.75 3.28
CA PHE A 94 13.08 -15.27 4.33
C PHE A 94 13.81 -14.01 3.90
N ASP A 95 14.31 -13.98 2.66
CA ASP A 95 14.95 -12.77 2.14
C ASP A 95 14.02 -11.57 2.26
N ASN A 96 12.72 -11.80 2.05
CA ASN A 96 11.72 -10.72 2.08
C ASN A 96 11.37 -10.20 3.49
N ILE A 97 11.82 -10.87 4.54
CA ILE A 97 11.51 -10.44 5.89
C ILE A 97 12.07 -9.05 6.14
N ARG A 98 13.23 -8.73 5.56
CA ARG A 98 13.77 -7.37 5.71
C ARG A 98 12.78 -6.30 5.21
N ASN A 99 12.18 -6.55 4.06
CA ASN A 99 11.21 -5.63 3.50
C ASN A 99 9.96 -5.54 4.38
N TRP A 100 9.50 -6.68 4.89
CA TRP A 100 8.37 -6.66 5.83
C TRP A 100 8.69 -5.85 7.09
N ILE A 101 9.87 -6.04 7.68
CA ILE A 101 10.20 -5.30 8.89
CA ILE A 101 10.30 -5.28 8.87
C ILE A 101 10.28 -3.79 8.60
N ARG A 102 10.83 -3.39 7.47
CA ARG A 102 10.83 -1.96 7.11
CA ARG A 102 10.83 -1.97 7.12
C ARG A 102 9.41 -1.40 6.99
N ASN A 103 8.48 -2.16 6.43
CA ASN A 103 7.08 -1.72 6.42
C ASN A 103 6.50 -1.54 7.82
N ILE A 104 6.81 -2.46 8.73
CA ILE A 104 6.35 -2.33 10.10
C ILE A 104 6.91 -1.05 10.72
N GLU A 105 8.18 -0.80 10.51
CA GLU A 105 8.82 0.39 11.08
C GLU A 105 8.20 1.68 10.51
N GLU A 106 7.84 1.65 9.24
CA GLU A 106 7.23 2.78 8.55
C GLU A 106 5.77 3.01 8.94
N HIS A 107 5.00 1.94 9.16
CA HIS A 107 3.53 2.08 9.29
C HIS A 107 2.91 1.68 10.61
N ALA A 108 3.60 0.88 11.41
CA ALA A 108 3.06 0.44 12.67
C ALA A 108 3.45 1.42 13.77
N SER A 109 2.82 1.28 14.93
CA SER A 109 3.20 2.08 16.10
C SER A 109 4.64 1.74 16.48
N ALA A 110 5.38 2.73 16.99
CA ALA A 110 6.79 2.50 17.30
C ALA A 110 6.97 1.42 18.36
N ASP A 111 5.98 1.27 19.23
CA ASP A 111 6.05 0.29 20.33
C ASP A 111 5.39 -1.06 20.01
N VAL A 112 5.09 -1.32 18.75
CA VAL A 112 4.46 -2.61 18.40
C VAL A 112 5.40 -3.75 18.77
N GLU A 113 4.83 -4.84 19.30
CA GLU A 113 5.63 -6.03 19.60
C GLU A 113 5.71 -6.88 18.35
N LYS A 114 6.91 -7.39 18.06
CA LYS A 114 7.19 -8.14 16.83
C LYS A 114 7.83 -9.47 17.14
N MET A 115 7.51 -10.50 16.37
CA MET A 115 8.12 -11.81 16.52
C MET A 115 8.26 -12.40 15.13
N ILE A 116 9.35 -13.10 14.91
CA ILE A 116 9.60 -13.77 13.65
C ILE A 116 9.35 -15.29 13.83
N LEU A 117 8.56 -15.85 12.93
CA LEU A 117 8.28 -17.29 12.88
C LEU A 117 8.82 -17.90 11.61
N GLY A 118 9.68 -18.91 11.77
CA GLY A 118 10.14 -19.74 10.67
C GLY A 118 9.27 -20.98 10.62
N ASN A 119 8.25 -20.93 9.78
CA ASN A 119 7.21 -21.94 9.75
C ASN A 119 7.56 -23.11 8.81
N LYS A 120 6.82 -24.21 8.95
CA LYS A 120 6.97 -25.46 8.20
C LYS A 120 8.20 -26.22 8.68
N CYS A 121 8.55 -26.08 9.97
CA CYS A 121 9.75 -26.74 10.46
C CYS A 121 9.63 -28.27 10.54
N ASP A 122 8.44 -28.80 10.26
CA ASP A 122 8.25 -30.24 10.08
C ASP A 122 8.83 -30.77 8.76
N VAL A 123 9.05 -29.88 7.80
CA VAL A 123 9.54 -30.28 6.46
C VAL A 123 11.05 -30.05 6.40
N ASN A 124 11.77 -30.59 7.37
CA ASN A 124 13.21 -30.36 7.48
C ASN A 124 13.98 -30.88 6.27
N ASP A 125 13.42 -31.89 5.61
CA ASP A 125 14.05 -32.47 4.41
C ASP A 125 14.09 -31.52 3.21
N LYS A 126 13.34 -30.43 3.27
CA LYS A 126 13.33 -29.42 2.21
C LYS A 126 13.81 -28.07 2.74
N ARG A 127 14.43 -28.07 3.91
CA ARG A 127 14.92 -26.82 4.51
C ARG A 127 15.87 -26.09 3.58
N GLN A 128 15.64 -24.79 3.41
CA GLN A 128 16.57 -23.89 2.73
C GLN A 128 17.20 -22.87 3.67
N VAL A 129 16.50 -22.51 4.74
CA VAL A 129 16.93 -21.47 5.67
C VAL A 129 17.33 -22.09 6.98
N SER A 130 18.61 -21.98 7.35
CA SER A 130 19.06 -22.57 8.60
C SER A 130 18.40 -21.89 9.79
N LYS A 131 18.21 -22.63 10.88
CA LYS A 131 17.69 -22.04 12.10
C LYS A 131 18.59 -20.89 12.59
N GLU A 132 19.90 -21.09 12.47
CA GLU A 132 20.88 -20.08 12.88
C GLU A 132 20.69 -18.74 12.16
N ARG A 133 20.36 -18.79 10.87
CA ARG A 133 20.11 -17.56 10.13
C ARG A 133 18.85 -16.84 10.58
N GLY A 134 17.81 -17.61 10.90
CA GLY A 134 16.59 -17.00 11.44
C GLY A 134 16.88 -16.37 12.79
N GLU A 135 17.60 -17.09 13.64
CA GLU A 135 17.99 -16.55 14.95
C GLU A 135 18.80 -15.25 14.80
N LYS A 136 19.76 -15.24 13.88
CA LYS A 136 20.61 -14.07 13.61
C LYS A 136 19.83 -12.85 13.12
N LEU A 137 18.86 -13.06 12.24
CA LEU A 137 18.05 -11.96 11.78
C LEU A 137 17.29 -11.34 12.94
N ALA A 138 16.67 -12.20 13.75
CA ALA A 138 15.95 -11.72 14.92
C ALA A 138 16.87 -10.97 15.86
N LEU A 139 18.05 -11.54 16.11
CA LEU A 139 19.09 -10.90 16.93
C LEU A 139 19.40 -9.47 16.44
N ASP A 140 19.53 -9.33 15.13
CA ASP A 140 19.89 -8.03 14.54
C ASP A 140 18.84 -6.95 14.79
N TYR A 141 17.57 -7.34 14.95
CA TYR A 141 16.51 -6.38 15.23
C TYR A 141 16.07 -6.37 16.67
N GLY A 142 16.66 -7.21 17.51
CA GLY A 142 16.30 -7.26 18.92
C GLY A 142 14.91 -7.84 19.19
N ILE A 143 14.49 -8.77 18.36
CA ILE A 143 13.18 -9.36 18.55
C ILE A 143 13.26 -10.87 18.62
N LYS A 144 12.17 -11.48 19.08
CA LYS A 144 12.14 -12.89 19.32
C LYS A 144 11.90 -13.69 18.04
N PHE A 145 12.34 -14.94 18.10
CA PHE A 145 12.31 -15.87 16.95
C PHE A 145 11.93 -17.26 17.43
N MET A 146 11.07 -17.94 16.67
CA MET A 146 10.78 -19.36 16.87
C MET A 146 10.59 -20.02 15.53
N GLU A 147 11.01 -21.26 15.42
CA GLU A 147 10.54 -22.12 14.34
C GLU A 147 9.24 -22.81 14.76
N THR A 148 8.28 -22.82 13.84
CA THR A 148 6.96 -23.32 14.11
C THR A 148 6.56 -24.36 13.09
N SER A 149 5.53 -25.14 13.44
CA SER A 149 4.84 -26.00 12.48
C SER A 149 3.37 -26.01 12.82
N ALA A 150 2.55 -25.52 11.91
CA ALA A 150 1.11 -25.67 12.04
C ALA A 150 0.72 -27.15 11.98
N LYS A 151 1.46 -27.91 11.19
CA LYS A 151 1.13 -29.33 10.95
C LYS A 151 1.42 -30.19 12.16
N ALA A 152 2.62 -30.09 12.69
CA ALA A 152 3.06 -30.88 13.84
C ALA A 152 2.76 -30.20 15.18
N ASN A 153 2.17 -29.01 15.13
CA ASN A 153 1.83 -28.23 16.32
C ASN A 153 3.06 -27.94 17.17
N ILE A 154 4.08 -27.42 16.51
CA ILE A 154 5.34 -27.02 17.14
C ILE A 154 5.35 -25.50 17.31
N ASN A 155 5.42 -25.07 18.57
CA ASN A 155 5.59 -23.66 18.98
C ASN A 155 4.48 -22.71 18.55
N VAL A 156 3.30 -23.22 18.20
CA VAL A 156 2.20 -22.34 17.81
C VAL A 156 1.63 -21.65 19.05
N GLU A 157 1.23 -22.44 20.03
CA GLU A 157 0.84 -21.87 21.31
C GLU A 157 1.95 -20.99 21.90
N ASN A 158 3.18 -21.51 21.89
CA ASN A 158 4.34 -20.78 22.42
C ASN A 158 4.46 -19.39 21.79
N ALA A 159 4.34 -19.33 20.46
CA ALA A 159 4.50 -18.06 19.76
C ALA A 159 3.47 -17.03 20.24
N PHE A 160 2.20 -17.41 20.25
CA PHE A 160 1.16 -16.46 20.61
C PHE A 160 1.17 -16.09 22.07
N PHE A 161 1.41 -17.08 22.94
CA PHE A 161 1.48 -16.76 24.37
C PHE A 161 2.67 -15.87 24.66
N THR A 162 3.79 -16.11 23.99
CA THR A 162 5.01 -15.32 24.22
C THR A 162 4.79 -13.89 23.75
N LEU A 163 4.22 -13.71 22.55
CA LEU A 163 3.92 -12.38 22.05
C LEU A 163 2.94 -11.66 22.99
N ALA A 164 1.89 -12.34 23.41
CA ALA A 164 0.93 -11.75 24.33
C ALA A 164 1.57 -11.36 25.66
N ARG A 165 2.44 -12.19 26.17
CA ARG A 165 3.12 -11.88 27.42
C ARG A 165 3.96 -10.63 27.29
N ASP A 166 4.58 -10.44 26.15
CA ASP A 166 5.42 -9.26 25.95
C ASP A 166 4.57 -7.99 25.81
N ILE A 167 3.43 -8.10 25.17
CA ILE A 167 2.50 -6.97 25.06
C ILE A 167 2.01 -6.62 26.46
N LYS A 168 1.61 -7.63 27.23
CA LYS A 168 1.08 -7.40 28.58
C LYS A 168 2.11 -6.78 29.49
N ALA A 169 3.36 -7.24 29.41
CA ALA A 169 4.41 -6.70 30.30
C ALA A 169 4.62 -5.22 30.04
N LYS A 170 4.64 -4.83 28.77
CA LYS A 170 4.84 -3.43 28.41
C LYS A 170 3.67 -2.60 28.91
N MET A 171 2.46 -3.10 28.69
CA MET A 171 1.24 -2.43 29.09
C MET A 171 1.14 -2.24 30.60
N ASP A 172 1.56 -3.24 31.35
CA ASP A 172 1.44 -3.23 32.81
C ASP A 172 2.44 -2.29 33.46
N LYS A 173 3.49 -1.93 32.72
CA LYS A 173 4.46 -0.92 33.19
C LYS A 173 3.92 0.51 33.03
N LYS A 174 2.86 0.66 32.24
CA LYS A 174 2.15 1.93 32.07
C LYS A 174 3.10 3.15 32.01
N GLY B 1 2.48 14.28 -11.94
CA GLY B 1 3.18 13.46 -12.98
C GLY B 1 2.24 13.26 -14.14
N SER B 2 2.44 12.17 -14.89
CA SER B 2 1.49 11.86 -15.97
C SER B 2 0.15 11.33 -15.39
N HIS B 3 0.13 10.89 -14.13
CA HIS B 3 -1.15 10.85 -13.38
C HIS B 3 -1.35 12.14 -12.63
N ASP B 4 -2.42 12.86 -12.98
CA ASP B 4 -2.63 14.20 -12.47
C ASP B 4 -3.24 14.20 -11.07
N TYR B 5 -4.08 13.20 -10.78
CA TYR B 5 -4.72 13.09 -9.49
C TYR B 5 -4.82 11.65 -9.04
N LEU B 6 -4.92 11.46 -7.73
CA LEU B 6 -5.17 10.13 -7.12
C LEU B 6 -6.21 10.33 -6.04
N PHE B 7 -7.41 9.76 -6.25
CA PHE B 7 -8.52 9.90 -5.29
C PHE B 7 -8.82 8.57 -4.61
N LYS B 8 -8.79 8.54 -3.28
CA LYS B 8 -9.24 7.37 -2.51
C LYS B 8 -10.76 7.50 -2.35
N LEU B 9 -11.50 6.51 -2.86
CA LEU B 9 -12.97 6.46 -2.72
C LEU B 9 -13.34 5.24 -1.89
N LEU B 10 -14.38 5.39 -1.06
CA LEU B 10 -14.92 4.25 -0.32
C LEU B 10 -16.34 3.99 -0.76
N LEU B 11 -16.69 2.71 -0.81
CA LEU B 11 -18.10 2.29 -0.93
C LEU B 11 -18.52 1.67 0.36
N ILE B 12 -19.60 2.19 0.97
CA ILE B 12 -20.10 1.69 2.25
C ILE B 12 -21.61 1.53 2.16
N GLY B 13 -22.16 0.72 3.05
CA GLY B 13 -23.59 0.42 3.07
C GLY B 13 -23.83 -1.01 3.50
N ASP B 14 -25.09 -1.36 3.76
CA ASP B 14 -25.39 -2.69 4.32
C ASP B 14 -24.97 -3.84 3.42
N SER B 15 -24.70 -4.97 4.04
CA SER B 15 -24.41 -6.17 3.29
C SER B 15 -25.58 -6.49 2.36
N GLY B 16 -25.23 -6.76 1.11
CA GLY B 16 -26.20 -7.19 0.11
C GLY B 16 -26.77 -6.11 -0.78
N VAL B 17 -26.40 -4.85 -0.54
CA VAL B 17 -26.99 -3.74 -1.29
C VAL B 17 -26.42 -3.62 -2.71
N GLY B 18 -25.25 -4.22 -2.95
CA GLY B 18 -24.66 -4.25 -4.29
C GLY B 18 -23.38 -3.44 -4.50
N LYS B 19 -22.66 -3.12 -3.43
CA LYS B 19 -21.42 -2.35 -3.52
C LYS B 19 -20.40 -3.02 -4.46
N THR B 20 -20.12 -4.29 -4.20
CA THR B 20 -19.14 -5.03 -4.99
C THR B 20 -19.58 -5.10 -6.45
N CYS B 21 -20.86 -5.32 -6.68
CA CYS B 21 -21.34 -5.46 -8.04
C CYS B 21 -21.37 -4.13 -8.79
N VAL B 22 -21.70 -3.05 -8.09
CA VAL B 22 -21.57 -1.71 -8.69
C VAL B 22 -20.11 -1.48 -9.11
N LEU B 23 -19.17 -1.82 -8.24
CA LEU B 23 -17.75 -1.64 -8.55
C LEU B 23 -17.32 -2.55 -9.71
N PHE B 24 -17.85 -3.76 -9.74
CA PHE B 24 -17.51 -4.73 -10.80
C PHE B 24 -17.98 -4.19 -12.15
N ARG B 25 -19.16 -3.59 -12.17
CA ARG B 25 -19.67 -2.99 -13.42
C ARG B 25 -18.75 -1.87 -13.86
N PHE B 26 -18.36 -1.03 -12.89
CA PHE B 26 -17.52 0.13 -13.18
C PHE B 26 -16.16 -0.29 -13.70
N SER B 27 -15.58 -1.31 -13.09
CA SER B 27 -14.20 -1.76 -13.39
CA SER B 27 -14.20 -1.70 -13.42
C SER B 27 -14.09 -2.74 -14.54
N GLU B 28 -15.07 -3.63 -14.65
CA GLU B 28 -14.99 -4.77 -15.58
C GLU B 28 -16.07 -4.76 -16.65
N ASP B 29 -16.99 -3.81 -16.60
CA ASP B 29 -18.12 -3.71 -17.53
C ASP B 29 -18.87 -5.00 -17.74
N ALA B 30 -19.34 -5.56 -16.64
CA ALA B 30 -20.18 -6.74 -16.69
C ALA B 30 -21.00 -6.76 -15.42
N PHE B 31 -22.08 -7.54 -15.48
CA PHE B 31 -22.91 -7.73 -14.31
C PHE B 31 -22.59 -9.08 -13.73
N ASN B 32 -22.14 -9.04 -12.48
CA ASN B 32 -21.91 -10.20 -11.67
C ASN B 32 -23.18 -10.50 -10.87
N SER B 33 -23.86 -11.58 -11.22
CA SER B 33 -25.14 -11.95 -10.58
C SER B 33 -24.98 -12.67 -9.23
N THR B 34 -23.76 -13.02 -8.90
CA THR B 34 -23.48 -13.80 -7.71
C THR B 34 -23.30 -12.91 -6.49
N PHE B 35 -23.57 -13.45 -5.31
CA PHE B 35 -23.39 -12.73 -4.05
C PHE B 35 -22.33 -13.50 -3.26
N ILE B 36 -21.11 -12.95 -3.28
CA ILE B 36 -20.02 -13.45 -2.45
C ILE B 36 -19.67 -12.27 -1.55
N SER B 37 -20.11 -12.35 -0.30
CA SER B 37 -19.92 -11.26 0.63
C SER B 37 -18.45 -10.91 0.77
N THR B 38 -18.22 -9.60 0.88
CA THR B 38 -16.86 -9.09 0.99
C THR B 38 -16.31 -9.32 2.39
N ILE B 39 -15.03 -9.71 2.44
CA ILE B 39 -14.37 -10.06 3.70
C ILE B 39 -13.51 -8.86 4.09
N GLY B 40 -14.06 -7.99 4.90
CA GLY B 40 -13.38 -6.80 5.35
C GLY B 40 -13.37 -5.70 4.31
N ILE B 41 -12.41 -5.79 3.39
CA ILE B 41 -12.26 -4.80 2.35
CA ILE B 41 -12.20 -4.79 2.35
C ILE B 41 -11.60 -5.44 1.12
N ASP B 42 -12.08 -5.06 -0.06
CA ASP B 42 -11.38 -5.35 -1.33
C ASP B 42 -11.16 -4.06 -2.05
N PHE B 43 -10.36 -4.13 -3.11
CA PHE B 43 -9.94 -2.95 -3.82
C PHE B 43 -10.04 -3.13 -5.32
N LYS B 44 -10.21 -2.01 -5.98
CA LYS B 44 -10.07 -1.92 -7.42
C LYS B 44 -9.54 -0.56 -7.79
N ILE B 45 -8.68 -0.53 -8.80
CA ILE B 45 -8.15 0.72 -9.34
C ILE B 45 -8.69 0.91 -10.75
N ARG B 46 -9.18 2.11 -11.05
CA ARG B 46 -9.50 2.50 -12.43
C ARG B 46 -9.06 3.93 -12.61
N THR B 47 -8.37 4.17 -13.72
CA THR B 47 -7.93 5.48 -14.11
C THR B 47 -8.93 6.04 -15.11
N ILE B 48 -9.45 7.22 -14.82
CA ILE B 48 -10.38 7.90 -15.72
C ILE B 48 -9.73 9.19 -16.22
N GLU B 49 -10.33 9.79 -17.23
CA GLU B 49 -9.87 11.10 -17.67
C GLU B 49 -11.06 12.05 -17.57
N LEU B 50 -10.82 13.19 -16.93
CA LEU B 50 -11.78 14.29 -16.80
C LEU B 50 -11.12 15.55 -17.25
N ASP B 51 -11.71 16.20 -18.25
CA ASP B 51 -11.25 17.51 -18.68
C ASP B 51 -9.75 17.51 -18.93
N GLY B 52 -9.30 16.51 -19.70
CA GLY B 52 -7.90 16.39 -20.09
C GLY B 52 -6.92 16.00 -19.01
N LYS B 53 -7.41 15.54 -17.87
CA LYS B 53 -6.53 15.15 -16.77
C LYS B 53 -6.80 13.71 -16.41
N ARG B 54 -5.74 13.00 -16.06
CA ARG B 54 -5.83 11.59 -15.66
C ARG B 54 -6.00 11.49 -14.16
N ILE B 55 -7.04 10.78 -13.76
CA ILE B 55 -7.39 10.62 -12.36
C ILE B 55 -7.41 9.14 -12.02
N LYS B 56 -6.51 8.73 -11.14
CA LYS B 56 -6.49 7.36 -10.66
C LYS B 56 -7.44 7.24 -9.47
N LEU B 57 -8.43 6.35 -9.61
CA LEU B 57 -9.39 6.11 -8.55
C LEU B 57 -8.97 4.82 -7.85
N GLN B 58 -8.63 4.96 -6.58
CA GLN B 58 -8.28 3.86 -5.71
C GLN B 58 -9.53 3.60 -4.88
N ILE B 59 -10.25 2.55 -5.23
CA ILE B 59 -11.59 2.33 -4.69
C ILE B 59 -11.57 1.19 -3.69
N TRP B 60 -11.99 1.54 -2.47
CA TRP B 60 -12.06 0.64 -1.33
C TRP B 60 -13.50 0.14 -1.19
N ASP B 61 -13.70 -1.12 -1.54
CA ASP B 61 -14.99 -1.79 -1.49
C ASP B 61 -15.13 -2.44 -0.12
N THR B 62 -15.85 -1.80 0.80
CA THR B 62 -15.87 -2.26 2.19
C THR B 62 -16.99 -3.27 2.39
N ALA B 63 -16.80 -4.16 3.36
CA ALA B 63 -17.83 -5.12 3.73
C ALA B 63 -18.92 -4.37 4.48
N GLY B 64 -20.16 -4.72 4.22
CA GLY B 64 -21.31 -4.10 4.88
C GLY B 64 -21.64 -4.70 6.23
N GLN B 65 -21.22 -5.94 6.48
CA GLN B 65 -21.69 -6.60 7.71
C GLN B 65 -21.05 -5.99 8.96
N GLU B 66 -21.79 -6.01 10.06
CA GLU B 66 -21.34 -5.40 11.29
C GLU B 66 -20.01 -5.94 11.84
N ARG B 67 -19.69 -7.19 11.57
CA ARG B 67 -18.41 -7.76 11.98
C ARG B 67 -17.21 -6.89 11.56
N PHE B 68 -17.34 -6.24 10.41
CA PHE B 68 -16.25 -5.46 9.85
C PHE B 68 -16.37 -3.95 10.06
N ARG B 69 -17.28 -3.52 10.92
CA ARG B 69 -17.54 -2.08 11.06
C ARG B 69 -16.36 -1.36 11.64
N THR B 70 -15.71 -1.95 12.65
CA THR B 70 -14.58 -1.33 13.29
C THR B 70 -13.41 -1.19 12.34
N ILE B 71 -13.01 -2.22 11.59
CA ILE B 71 -11.86 -2.02 10.68
CA ILE B 71 -11.87 -2.07 10.70
C ILE B 71 -12.22 -1.10 9.55
N THR B 72 -13.39 -1.24 8.96
CA THR B 72 -13.68 -0.40 7.86
C THR B 72 -13.73 1.07 8.25
N THR B 73 -14.41 1.39 9.34
CA THR B 73 -14.49 2.78 9.79
C THR B 73 -13.11 3.36 10.18
N ALA B 74 -12.19 2.49 10.59
CA ALA B 74 -10.81 2.90 10.89
C ALA B 74 -10.13 3.60 9.70
N TYR B 75 -10.59 3.30 8.48
CA TYR B 75 -9.98 3.84 7.26
C TYR B 75 -10.86 4.82 6.48
N TYR B 76 -11.91 5.34 7.09
CA TYR B 76 -12.71 6.38 6.44
C TYR B 76 -11.90 7.65 6.26
N ARG B 77 -11.03 7.90 7.23
CA ARG B 77 -10.31 9.16 7.34
C ARG B 77 -9.61 9.69 6.10
N GLY B 78 -8.85 8.84 5.43
CA GLY B 78 -8.16 9.33 4.24
C GLY B 78 -9.01 9.45 2.98
N ALA B 79 -10.27 9.06 3.05
CA ALA B 79 -11.09 9.03 1.84
C ALA B 79 -11.36 10.43 1.34
N MET B 80 -11.31 10.61 0.02
CA MET B 80 -11.72 11.88 -0.58
C MET B 80 -13.17 11.89 -1.00
N GLY B 81 -13.71 10.69 -1.22
CA GLY B 81 -15.12 10.53 -1.56
C GLY B 81 -15.66 9.25 -0.97
N ILE B 82 -16.94 9.28 -0.60
CA ILE B 82 -17.65 8.11 -0.07
C ILE B 82 -18.97 7.93 -0.79
N MET B 83 -19.20 6.75 -1.36
CA MET B 83 -20.51 6.36 -1.87
C MET B 83 -21.21 5.60 -0.76
N LEU B 84 -22.36 6.10 -0.35
CA LEU B 84 -23.21 5.42 0.62
C LEU B 84 -24.35 4.76 -0.16
N VAL B 85 -24.44 3.43 -0.08
CA VAL B 85 -25.28 2.66 -0.97
C VAL B 85 -26.38 1.97 -0.16
N TYR B 86 -27.62 2.09 -0.63
CA TYR B 86 -28.71 1.24 -0.15
C TYR B 86 -29.33 0.48 -1.33
N ASP B 87 -30.27 -0.41 -1.02
CA ASP B 87 -30.89 -1.28 -2.00
C ASP B 87 -32.34 -0.82 -2.08
N ILE B 88 -32.80 -0.35 -3.24
CA ILE B 88 -34.17 0.17 -3.35
C ILE B 88 -35.23 -0.87 -3.05
N THR B 89 -34.85 -2.15 -3.09
CA THR B 89 -35.78 -3.24 -2.75
C THR B 89 -35.78 -3.62 -1.27
N ASN B 90 -35.02 -2.92 -0.44
CA ASN B 90 -34.89 -3.27 0.98
C ASN B 90 -34.97 -2.04 1.89
N GLU B 91 -36.12 -1.83 2.52
CA GLU B 91 -36.34 -0.70 3.39
C GLU B 91 -35.29 -0.58 4.47
N LYS B 92 -34.94 -1.69 5.11
CA LYS B 92 -34.01 -1.64 6.22
C LYS B 92 -32.69 -1.03 5.77
N SER B 93 -32.24 -1.36 4.57
CA SER B 93 -30.96 -0.81 4.09
C SER B 93 -30.99 0.71 3.96
N PHE B 94 -32.16 1.24 3.65
CA PHE B 94 -32.41 2.67 3.58
C PHE B 94 -32.57 3.28 4.98
N ASP B 95 -33.32 2.60 5.84
CA ASP B 95 -33.50 3.03 7.23
C ASP B 95 -32.13 3.20 7.91
N ASN B 96 -31.17 2.35 7.55
CA ASN B 96 -29.84 2.38 8.16
C ASN B 96 -28.95 3.50 7.64
N ILE B 97 -29.36 4.20 6.58
CA ILE B 97 -28.55 5.27 6.01
C ILE B 97 -28.22 6.34 7.07
N ARG B 98 -29.15 6.64 7.96
CA ARG B 98 -28.89 7.63 9.02
C ARG B 98 -27.72 7.23 9.90
N ASN B 99 -27.69 5.95 10.29
CA ASN B 99 -26.59 5.45 11.08
C ASN B 99 -25.30 5.52 10.28
N TRP B 100 -25.36 5.19 8.99
CA TRP B 100 -24.16 5.28 8.17
C TRP B 100 -23.63 6.71 8.12
N ILE B 101 -24.52 7.67 7.97
CA ILE B 101 -24.13 9.08 7.96
C ILE B 101 -23.48 9.47 9.29
N ARG B 102 -24.02 9.02 10.41
CA ARG B 102 -23.39 9.32 11.70
C ARG B 102 -21.98 8.74 11.79
N ASN B 103 -21.77 7.57 11.18
CA ASN B 103 -20.44 6.97 11.13
C ASN B 103 -19.47 7.76 10.26
N ILE B 104 -19.96 8.26 9.13
CA ILE B 104 -19.15 9.13 8.30
C ILE B 104 -18.76 10.37 9.11
N GLU B 105 -19.73 10.97 9.81
CA GLU B 105 -19.46 12.16 10.60
C GLU B 105 -18.41 11.95 11.69
N GLU B 106 -18.44 10.78 12.33
CA GLU B 106 -17.53 10.42 13.41
C GLU B 106 -16.14 10.08 12.90
N HIS B 107 -16.03 9.46 11.72
CA HIS B 107 -14.76 8.83 11.31
C HIS B 107 -14.09 9.36 10.03
N ALA B 108 -14.83 10.06 9.18
CA ALA B 108 -14.29 10.60 7.94
C ALA B 108 -13.82 12.02 8.14
N SER B 109 -13.08 12.54 7.15
CA SER B 109 -12.68 13.94 7.18
C SER B 109 -13.94 14.80 7.00
N ALA B 110 -14.00 15.93 7.70
CA ALA B 110 -15.22 16.75 7.71
C ALA B 110 -15.64 17.22 6.31
N ASP B 111 -14.69 17.36 5.41
CA ASP B 111 -14.97 17.87 4.07
C ASP B 111 -15.04 16.79 2.98
N VAL B 112 -15.13 15.53 3.40
CA VAL B 112 -15.22 14.42 2.46
C VAL B 112 -16.40 14.63 1.51
N GLU B 113 -16.23 14.26 0.24
CA GLU B 113 -17.33 14.36 -0.72
C GLU B 113 -18.19 13.10 -0.59
N LYS B 114 -19.51 13.27 -0.55
CA LYS B 114 -20.42 12.18 -0.27
C LYS B 114 -21.49 12.07 -1.35
N MET B 115 -21.94 10.86 -1.62
CA MET B 115 -23.01 10.63 -2.58
C MET B 115 -23.81 9.44 -2.08
N ILE B 116 -25.12 9.50 -2.22
CA ILE B 116 -25.98 8.38 -1.87
C ILE B 116 -26.43 7.71 -3.17
N LEU B 117 -26.29 6.38 -3.23
CA LEU B 117 -26.74 5.58 -4.36
C LEU B 117 -27.87 4.66 -3.91
N GLY B 118 -29.01 4.76 -4.57
CA GLY B 118 -30.10 3.81 -4.36
C GLY B 118 -29.95 2.77 -5.45
N ASN B 119 -29.36 1.63 -5.11
CA ASN B 119 -29.01 0.62 -6.10
C ASN B 119 -30.15 -0.40 -6.34
N LYS B 120 -29.99 -1.18 -7.41
CA LYS B 120 -30.91 -2.19 -7.88
C LYS B 120 -32.16 -1.56 -8.47
N CYS B 121 -32.00 -0.41 -9.12
CA CYS B 121 -33.15 0.31 -9.65
C CYS B 121 -33.80 -0.37 -10.87
N ASP B 122 -33.17 -1.44 -11.36
CA ASP B 122 -33.78 -2.33 -12.37
C ASP B 122 -34.89 -3.25 -11.84
N VAL B 123 -34.91 -3.47 -10.53
CA VAL B 123 -35.83 -4.45 -9.93
C VAL B 123 -37.12 -3.73 -9.48
N ASN B 124 -37.83 -3.17 -10.46
CA ASN B 124 -39.04 -2.39 -10.22
C ASN B 124 -40.10 -3.14 -9.43
N ASP B 125 -40.24 -4.42 -9.73
CA ASP B 125 -41.24 -5.28 -9.14
C ASP B 125 -41.02 -5.61 -7.66
N LYS B 126 -39.86 -5.22 -7.11
CA LYS B 126 -39.57 -5.45 -5.70
C LYS B 126 -39.20 -4.15 -4.97
N ARG B 127 -39.35 -3.00 -5.62
CA ARG B 127 -39.04 -1.72 -5.00
C ARG B 127 -39.83 -1.55 -3.71
N GLN B 128 -39.10 -1.16 -2.66
CA GLN B 128 -39.67 -0.78 -1.35
C GLN B 128 -39.48 0.70 -1.04
N VAL B 129 -38.42 1.30 -1.58
CA VAL B 129 -38.10 2.68 -1.27
C VAL B 129 -38.34 3.52 -2.51
N SER B 130 -39.27 4.46 -2.42
CA SER B 130 -39.54 5.34 -3.54
C SER B 130 -38.34 6.21 -3.86
N LYS B 131 -38.20 6.58 -5.12
CA LYS B 131 -37.16 7.51 -5.51
C LYS B 131 -37.30 8.85 -4.75
N GLU B 132 -38.56 9.32 -4.58
CA GLU B 132 -38.82 10.57 -3.85
C GLU B 132 -38.23 10.55 -2.44
N ARG B 133 -38.34 9.43 -1.74
CA ARG B 133 -37.77 9.36 -0.40
C ARG B 133 -36.26 9.41 -0.36
N GLY B 134 -35.63 8.75 -1.33
CA GLY B 134 -34.16 8.85 -1.44
C GLY B 134 -33.72 10.27 -1.77
N GLU B 135 -34.42 10.90 -2.71
CA GLU B 135 -34.14 12.29 -3.10
C GLU B 135 -34.26 13.22 -1.89
N LYS B 136 -35.29 13.02 -1.08
CA LYS B 136 -35.53 13.90 0.07
C LYS B 136 -34.50 13.72 1.18
N LEU B 137 -34.12 12.47 1.45
CA LEU B 137 -33.09 12.20 2.44
C LEU B 137 -31.78 12.88 2.03
N ALA B 138 -31.42 12.74 0.76
CA ALA B 138 -30.19 13.33 0.26
C ALA B 138 -30.25 14.86 0.32
N LEU B 139 -31.41 15.40 -0.06
CA LEU B 139 -31.68 16.84 0.03
C LEU B 139 -31.49 17.34 1.46
N ASP B 140 -32.00 16.59 2.42
CA ASP B 140 -31.91 16.95 3.84
C ASP B 140 -30.45 17.02 4.30
N TYR B 141 -29.59 16.17 3.74
CA TYR B 141 -28.17 16.14 4.12
C TYR B 141 -27.24 17.01 3.28
N GLY B 142 -27.78 17.62 2.24
CA GLY B 142 -26.99 18.48 1.35
C GLY B 142 -26.05 17.70 0.46
N ILE B 143 -26.43 16.49 0.09
CA ILE B 143 -25.55 15.67 -0.74
C ILE B 143 -26.26 15.07 -1.95
N LYS B 144 -25.47 14.73 -2.96
CA LYS B 144 -26.00 14.25 -4.21
C LYS B 144 -26.53 12.83 -4.10
N PHE B 145 -27.46 12.53 -4.98
CA PHE B 145 -28.21 11.26 -5.00
C PHE B 145 -28.41 10.78 -6.42
N MET B 146 -28.22 9.47 -6.63
CA MET B 146 -28.60 8.81 -7.87
C MET B 146 -29.16 7.42 -7.59
N GLU B 147 -30.11 7.01 -8.40
CA GLU B 147 -30.50 5.60 -8.43
C GLU B 147 -29.66 4.90 -9.50
N THR B 148 -29.13 3.75 -9.13
CA THR B 148 -28.19 3.01 -9.94
C THR B 148 -28.63 1.57 -10.17
N SER B 149 -28.07 0.97 -11.21
CA SER B 149 -28.18 -0.45 -11.43
C SER B 149 -26.92 -1.02 -12.01
N ALA B 150 -26.30 -1.95 -11.27
CA ALA B 150 -25.14 -2.67 -11.78
C ALA B 150 -25.60 -3.59 -12.91
N LYS B 151 -26.82 -4.13 -12.81
CA LYS B 151 -27.33 -5.06 -13.82
C LYS B 151 -27.64 -4.40 -15.15
N ALA B 152 -28.46 -3.34 -15.11
CA ALA B 152 -28.89 -2.56 -16.27
C ALA B 152 -27.88 -1.50 -16.73
N ASN B 153 -26.80 -1.33 -15.95
CA ASN B 153 -25.77 -0.33 -16.21
C ASN B 153 -26.35 1.09 -16.23
N ILE B 154 -27.06 1.42 -15.17
CA ILE B 154 -27.68 2.73 -15.01
C ILE B 154 -26.92 3.53 -13.95
N ASN B 155 -26.43 4.70 -14.37
CA ASN B 155 -25.78 5.68 -13.50
C ASN B 155 -24.52 5.22 -12.78
N VAL B 156 -23.93 4.11 -13.18
CA VAL B 156 -22.72 3.66 -12.51
C VAL B 156 -21.54 4.54 -12.94
N GLU B 157 -21.32 4.71 -14.24
CA GLU B 157 -20.30 5.66 -14.70
C GLU B 157 -20.58 7.06 -14.17
N ASN B 158 -21.84 7.47 -14.29
CA ASN B 158 -22.23 8.80 -13.87
C ASN B 158 -21.91 9.06 -12.39
N ALA B 159 -22.16 8.07 -11.55
CA ALA B 159 -21.91 8.21 -10.12
C ALA B 159 -20.44 8.48 -9.85
N PHE B 160 -19.59 7.62 -10.40
CA PHE B 160 -18.16 7.76 -10.14
C PHE B 160 -17.56 9.02 -10.79
N PHE B 161 -17.97 9.32 -12.02
CA PHE B 161 -17.45 10.51 -12.70
C PHE B 161 -17.91 11.78 -12.01
N THR B 162 -19.15 11.79 -11.51
CA THR B 162 -19.66 12.95 -10.79
C THR B 162 -18.92 13.15 -9.48
N LEU B 163 -18.72 12.08 -8.73
CA LEU B 163 -18.00 12.17 -7.49
C LEU B 163 -16.57 12.65 -7.73
N ALA B 164 -15.90 12.06 -8.70
CA ALA B 164 -14.55 12.49 -9.05
C ALA B 164 -14.50 13.96 -9.49
N ARG B 165 -15.44 14.36 -10.33
CA ARG B 165 -15.53 15.76 -10.79
C ARG B 165 -15.65 16.70 -9.61
N ASP B 166 -16.48 16.33 -8.66
CA ASP B 166 -16.74 17.18 -7.51
C ASP B 166 -15.52 17.27 -6.59
N ILE B 167 -14.79 16.17 -6.44
CA ILE B 167 -13.55 16.18 -5.66
C ILE B 167 -12.51 17.06 -6.36
N LYS B 168 -12.40 16.88 -7.67
CA LYS B 168 -11.41 17.63 -8.47
C LYS B 168 -11.69 19.12 -8.43
N ALA B 169 -12.97 19.50 -8.54
CA ALA B 169 -13.35 20.92 -8.48
C ALA B 169 -12.89 21.54 -7.18
N LYS B 170 -13.08 20.81 -6.10
CA LYS B 170 -12.69 21.27 -4.77
C LYS B 170 -11.17 21.42 -4.66
N MET B 171 -10.42 20.47 -5.21
CA MET B 171 -8.97 20.53 -5.17
C MET B 171 -8.41 21.61 -6.07
N ASP B 172 -9.03 21.81 -7.23
CA ASP B 172 -8.56 22.82 -8.17
C ASP B 172 -8.67 24.24 -7.65
N LYS B 173 -9.42 24.45 -6.56
CA LYS B 173 -9.50 25.76 -5.91
C LYS B 173 -8.34 25.96 -4.94
N ASP C 4 -12.48 2.02 -25.59
CA ASP C 4 -11.45 1.02 -25.17
C ASP C 4 -11.45 -0.25 -26.04
N TYR C 5 -10.48 -1.13 -25.77
CA TYR C 5 -10.28 -2.36 -26.53
C TYR C 5 -10.92 -3.54 -25.82
N LEU C 6 -11.31 -4.54 -26.61
CA LEU C 6 -11.89 -5.80 -26.12
C LEU C 6 -11.19 -6.96 -26.85
N PHE C 7 -10.41 -7.77 -26.14
CA PHE C 7 -9.69 -8.89 -26.78
C PHE C 7 -10.14 -10.23 -26.21
N LYS C 8 -10.32 -11.21 -27.09
CA LYS C 8 -10.74 -12.54 -26.71
C LYS C 8 -9.51 -13.45 -26.71
N LEU C 9 -9.22 -14.04 -25.56
CA LEU C 9 -8.07 -14.92 -25.41
C LEU C 9 -8.47 -16.32 -25.04
N LEU C 10 -7.58 -17.26 -25.34
CA LEU C 10 -7.80 -18.66 -25.08
C LEU C 10 -6.56 -19.25 -24.43
N LEU C 11 -6.72 -20.10 -23.43
CA LEU C 11 -5.62 -20.87 -22.85
C LEU C 11 -5.81 -22.33 -23.26
N ILE C 12 -4.77 -22.90 -23.85
CA ILE C 12 -4.77 -24.30 -24.27
C ILE C 12 -3.49 -25.00 -23.81
N GLY C 13 -3.54 -26.32 -23.74
CA GLY C 13 -2.44 -27.13 -23.29
C GLY C 13 -2.94 -28.35 -22.53
N ASP C 14 -2.02 -29.27 -22.29
CA ASP C 14 -2.36 -30.52 -21.64
C ASP C 14 -3.05 -30.32 -20.29
N SER C 15 -3.85 -31.31 -19.93
CA SER C 15 -4.44 -31.34 -18.60
C SER C 15 -3.33 -31.41 -17.55
N GLY C 16 -3.44 -30.57 -16.53
CA GLY C 16 -2.57 -30.58 -15.39
C GLY C 16 -1.42 -29.58 -15.44
N VAL C 17 -1.31 -28.83 -16.52
CA VAL C 17 -0.14 -27.94 -16.68
C VAL C 17 -0.27 -26.66 -15.88
N GLY C 18 -1.50 -26.32 -15.51
CA GLY C 18 -1.82 -25.17 -14.67
C GLY C 18 -2.56 -24.01 -15.33
N LYS C 19 -3.29 -24.26 -16.41
CA LYS C 19 -4.03 -23.20 -17.10
C LYS C 19 -4.99 -22.45 -16.16
N THR C 20 -5.81 -23.22 -15.43
CA THR C 20 -6.81 -22.64 -14.57
C THR C 20 -6.13 -21.81 -13.47
N CYS C 21 -5.04 -22.33 -12.91
CA CYS C 21 -4.25 -21.58 -11.94
C CYS C 21 -3.61 -20.32 -12.52
N VAL C 22 -3.06 -20.41 -13.72
CA VAL C 22 -2.53 -19.22 -14.39
C VAL C 22 -3.60 -18.15 -14.53
N LEU C 23 -4.79 -18.55 -14.96
CA LEU C 23 -5.85 -17.59 -15.12
C LEU C 23 -6.28 -16.98 -13.78
N PHE C 24 -6.34 -17.79 -12.73
CA PHE C 24 -6.77 -17.27 -11.41
C PHE C 24 -5.71 -16.33 -10.87
N ARG C 25 -4.45 -16.65 -11.10
CA ARG C 25 -3.38 -15.74 -10.70
C ARG C 25 -3.51 -14.39 -11.43
N PHE C 26 -3.75 -14.45 -12.74
CA PHE C 26 -3.94 -13.23 -13.51
C PHE C 26 -5.16 -12.42 -13.08
N SER C 27 -6.30 -13.09 -12.91
CA SER C 27 -7.53 -12.38 -12.63
CA SER C 27 -7.50 -12.34 -12.66
C SER C 27 -7.56 -11.81 -11.23
N GLU C 28 -7.14 -12.63 -10.26
CA GLU C 28 -7.34 -12.32 -8.83
C GLU C 28 -6.06 -12.13 -7.99
N ASP C 29 -4.90 -12.38 -8.57
CA ASP C 29 -3.64 -12.44 -7.83
C ASP C 29 -3.80 -13.36 -6.61
N ALA C 30 -4.22 -14.59 -6.88
CA ALA C 30 -4.51 -15.55 -5.86
C ALA C 30 -4.19 -16.94 -6.35
N PHE C 31 -4.25 -17.89 -5.41
CA PHE C 31 -4.00 -19.30 -5.67
C PHE C 31 -5.02 -20.13 -4.88
N ASN C 32 -5.46 -21.22 -5.49
CA ASN C 32 -6.38 -22.16 -4.82
C ASN C 32 -6.03 -23.57 -5.31
N SER C 33 -5.50 -24.37 -4.39
CA SER C 33 -5.04 -25.75 -4.68
C SER C 33 -6.16 -26.76 -4.92
N THR C 34 -7.40 -26.32 -4.74
CA THR C 34 -8.54 -27.23 -4.75
C THR C 34 -9.31 -27.23 -6.07
N PHE C 35 -8.94 -26.38 -6.99
CA PHE C 35 -9.68 -26.28 -8.25
C PHE C 35 -9.68 -27.62 -8.94
N ILE C 36 -10.84 -28.04 -9.41
CA ILE C 36 -10.95 -29.27 -10.17
C ILE C 36 -10.42 -29.13 -11.59
N SER C 37 -10.06 -30.25 -12.18
CA SER C 37 -9.79 -30.30 -13.61
C SER C 37 -11.02 -29.74 -14.35
N THR C 38 -10.78 -28.90 -15.34
CA THR C 38 -11.83 -28.08 -15.93
C THR C 38 -12.84 -28.90 -16.72
N ILE C 39 -14.12 -28.55 -16.51
CA ILE C 39 -15.23 -29.28 -17.13
C ILE C 39 -15.57 -28.61 -18.43
N GLY C 40 -14.82 -28.96 -19.47
CA GLY C 40 -15.00 -28.42 -20.80
C GLY C 40 -14.33 -27.08 -20.99
N ILE C 41 -14.92 -26.06 -20.41
CA ILE C 41 -14.53 -24.69 -20.68
C ILE C 41 -14.86 -23.86 -19.45
N ASP C 42 -14.02 -22.89 -19.14
CA ASP C 42 -14.28 -21.93 -18.05
C ASP C 42 -13.99 -20.56 -18.66
N PHE C 43 -14.42 -19.51 -17.99
CA PHE C 43 -14.38 -18.16 -18.54
C PHE C 43 -14.18 -17.12 -17.45
N LYS C 44 -13.27 -16.19 -17.67
CA LYS C 44 -13.04 -15.08 -16.75
C LYS C 44 -12.76 -13.83 -17.54
N ILE C 45 -13.00 -12.67 -16.92
CA ILE C 45 -12.71 -11.39 -17.53
C ILE C 45 -11.79 -10.58 -16.63
N ARG C 46 -10.97 -9.73 -17.24
CA ARG C 46 -10.24 -8.71 -16.49
C ARG C 46 -9.89 -7.57 -17.41
N THR C 47 -10.16 -6.35 -16.96
CA THR C 47 -9.75 -5.16 -17.70
C THR C 47 -8.44 -4.63 -17.14
N ILE C 48 -7.45 -4.43 -18.03
CA ILE C 48 -6.14 -3.95 -17.64
C ILE C 48 -5.89 -2.57 -18.22
N GLU C 49 -4.95 -1.85 -17.61
CA GLU C 49 -4.55 -0.51 -18.06
CA GLU C 49 -4.56 -0.54 -18.08
C GLU C 49 -3.13 -0.63 -18.63
N LEU C 50 -3.01 -0.34 -19.92
CA LEU C 50 -1.80 -0.58 -20.65
C LEU C 50 -1.57 0.59 -21.58
N ASP C 51 -0.40 1.23 -21.44
CA ASP C 51 0.01 2.31 -22.33
C ASP C 51 -1.05 3.42 -22.40
N GLY C 52 -1.63 3.73 -21.25
CA GLY C 52 -2.66 4.76 -21.17
C GLY C 52 -4.04 4.39 -21.67
N LYS C 53 -4.25 3.12 -22.02
CA LYS C 53 -5.52 2.65 -22.57
C LYS C 53 -6.12 1.62 -21.62
N ARG C 54 -7.42 1.38 -21.73
CA ARG C 54 -8.05 0.27 -20.99
C ARG C 54 -8.42 -0.84 -21.97
N ILE C 55 -7.96 -2.04 -21.64
CA ILE C 55 -8.15 -3.20 -22.50
C ILE C 55 -8.90 -4.24 -21.69
N LYS C 56 -10.10 -4.60 -22.14
CA LYS C 56 -10.87 -5.65 -21.50
C LYS C 56 -10.49 -6.97 -22.14
N LEU C 57 -10.08 -7.92 -21.31
CA LEU C 57 -9.74 -9.28 -21.74
C LEU C 57 -10.84 -10.26 -21.33
N GLN C 58 -11.38 -10.93 -22.31
CA GLN C 58 -12.32 -12.03 -22.08
C GLN C 58 -11.54 -13.29 -22.35
N ILE C 59 -11.44 -14.15 -21.35
CA ILE C 59 -10.49 -15.24 -21.41
C ILE C 59 -11.15 -16.58 -21.17
N TRP C 60 -11.00 -17.47 -22.14
CA TRP C 60 -11.52 -18.83 -22.10
C TRP C 60 -10.43 -19.75 -21.75
N ASP C 61 -10.73 -20.58 -20.76
CA ASP C 61 -9.81 -21.52 -20.20
C ASP C 61 -10.32 -22.90 -20.58
N THR C 62 -9.61 -23.54 -21.49
CA THR C 62 -10.04 -24.82 -21.99
C THR C 62 -9.62 -25.99 -21.08
N ALA C 63 -10.41 -27.06 -21.10
CA ALA C 63 -10.00 -28.34 -20.53
C ALA C 63 -8.97 -28.96 -21.49
N GLY C 64 -7.89 -29.48 -20.93
CA GLY C 64 -6.87 -30.16 -21.70
C GLY C 64 -7.12 -31.62 -22.02
N GLN C 65 -8.03 -32.27 -21.29
CA GLN C 65 -8.32 -33.70 -21.51
C GLN C 65 -8.98 -33.95 -22.86
N GLU C 66 -8.57 -35.03 -23.53
CA GLU C 66 -9.11 -35.42 -24.82
C GLU C 66 -10.63 -35.56 -24.79
N ARG C 67 -11.19 -36.04 -23.68
CA ARG C 67 -12.68 -36.17 -23.58
C ARG C 67 -13.43 -34.90 -23.95
N PHE C 68 -12.81 -33.74 -23.72
CA PHE C 68 -13.44 -32.46 -24.04
C PHE C 68 -13.00 -31.81 -25.35
N ARG C 69 -12.26 -32.53 -26.21
CA ARG C 69 -11.87 -31.95 -27.49
C ARG C 69 -13.08 -31.38 -28.28
N THR C 70 -14.17 -32.14 -28.29
CA THR C 70 -15.38 -31.71 -28.98
C THR C 70 -15.88 -30.33 -28.52
N ILE C 71 -15.78 -30.07 -27.23
CA ILE C 71 -16.18 -28.78 -26.66
C ILE C 71 -15.16 -27.69 -26.96
N THR C 72 -13.91 -27.98 -26.69
CA THR C 72 -12.93 -26.93 -26.71
C THR C 72 -12.61 -26.43 -28.11
N THR C 73 -12.68 -27.31 -29.09
CA THR C 73 -12.43 -26.90 -30.48
C THR C 73 -13.32 -25.73 -30.94
N ALA C 74 -14.54 -25.68 -30.40
CA ALA C 74 -15.52 -24.64 -30.77
C ALA C 74 -15.10 -23.23 -30.38
N TYR C 75 -14.14 -23.12 -29.46
CA TYR C 75 -13.70 -21.82 -28.95
C TYR C 75 -12.48 -21.24 -29.65
N TYR C 76 -11.91 -21.97 -30.61
CA TYR C 76 -10.74 -21.47 -31.31
C TYR C 76 -11.14 -20.39 -32.34
N ARG C 77 -12.31 -20.55 -32.98
CA ARG C 77 -12.77 -19.65 -34.08
C ARG C 77 -12.47 -18.15 -33.77
N GLY C 78 -13.04 -17.61 -32.71
CA GLY C 78 -12.94 -16.17 -32.40
C GLY C 78 -11.76 -15.68 -31.56
N ALA C 79 -10.81 -16.55 -31.24
CA ALA C 79 -9.68 -16.15 -30.41
C ALA C 79 -8.80 -15.14 -31.13
N MET C 80 -8.41 -14.10 -30.41
CA MET C 80 -7.44 -13.10 -30.91
C MET C 80 -6.02 -13.34 -30.40
N GLY C 81 -5.91 -13.98 -29.24
CA GLY C 81 -4.64 -14.44 -28.72
C GLY C 81 -4.81 -15.77 -28.02
N ILE C 82 -3.77 -16.60 -28.08
CA ILE C 82 -3.78 -17.91 -27.44
C ILE C 82 -2.49 -18.14 -26.66
N MET C 83 -2.62 -18.49 -25.38
CA MET C 83 -1.52 -19.02 -24.59
C MET C 83 -1.50 -20.53 -24.71
N LEU C 84 -0.35 -21.05 -25.11
CA LEU C 84 -0.07 -22.46 -25.15
C LEU C 84 0.78 -22.79 -23.96
N VAL C 85 0.26 -23.63 -23.06
CA VAL C 85 0.87 -23.85 -21.76
C VAL C 85 1.37 -25.28 -21.62
N TYR C 86 2.61 -25.42 -21.16
CA TYR C 86 3.14 -26.69 -20.70
C TYR C 86 3.64 -26.56 -19.29
N ASP C 87 4.10 -27.68 -18.74
CA ASP C 87 4.57 -27.80 -17.37
C ASP C 87 6.05 -28.15 -17.47
N ILE C 88 6.92 -27.30 -16.92
CA ILE C 88 8.38 -27.51 -17.02
C ILE C 88 8.84 -28.80 -16.36
N THR C 89 8.00 -29.35 -15.49
CA THR C 89 8.29 -30.61 -14.80
C THR C 89 7.80 -31.83 -15.58
N ASN C 90 7.20 -31.61 -16.76
CA ASN C 90 6.57 -32.69 -17.52
C ASN C 90 6.91 -32.60 -18.99
N GLU C 91 7.93 -33.35 -19.40
CA GLU C 91 8.42 -33.32 -20.76
C GLU C 91 7.32 -33.67 -21.77
N LYS C 92 6.45 -34.62 -21.45
CA LYS C 92 5.36 -34.98 -22.36
C LYS C 92 4.48 -33.76 -22.70
N SER C 93 4.20 -32.94 -21.70
CA SER C 93 3.40 -31.75 -21.94
C SER C 93 4.07 -30.75 -22.88
N PHE C 94 5.40 -30.69 -22.80
CA PHE C 94 6.17 -29.87 -23.72
C PHE C 94 6.18 -30.43 -25.13
N ASP C 95 6.41 -31.73 -25.24
CA ASP C 95 6.35 -32.42 -26.52
C ASP C 95 4.99 -32.17 -27.21
N ASN C 96 3.92 -32.15 -26.41
CA ASN C 96 2.57 -31.94 -26.96
C ASN C 96 2.29 -30.54 -27.46
N ILE C 97 3.13 -29.56 -27.09
CA ILE C 97 2.94 -28.22 -27.62
C ILE C 97 2.86 -28.20 -29.15
N ARG C 98 3.66 -29.04 -29.81
CA ARG C 98 3.59 -29.06 -31.27
C ARG C 98 2.24 -29.54 -31.78
N ASN C 99 1.61 -30.45 -31.04
CA ASN C 99 0.24 -30.90 -31.36
C ASN C 99 -0.77 -29.77 -31.13
N TRP C 100 -0.61 -29.03 -30.03
CA TRP C 100 -1.46 -27.85 -29.83
C TRP C 100 -1.29 -26.78 -30.90
N ILE C 101 -0.04 -26.54 -31.35
CA ILE C 101 0.22 -25.59 -32.43
C ILE C 101 -0.53 -26.00 -33.72
N ARG C 102 -0.50 -27.30 -34.01
CA ARG C 102 -1.23 -27.80 -35.18
C ARG C 102 -2.74 -27.66 -35.03
N ASN C 103 -3.25 -27.85 -33.81
CA ASN C 103 -4.66 -27.59 -33.51
C ASN C 103 -5.03 -26.12 -33.76
N ILE C 104 -4.13 -25.20 -33.41
CA ILE C 104 -4.35 -23.79 -33.69
C ILE C 104 -4.39 -23.55 -35.21
N GLU C 105 -3.44 -24.16 -35.91
CA GLU C 105 -3.37 -24.02 -37.37
C GLU C 105 -4.66 -24.51 -38.03
N GLU C 106 -5.24 -25.57 -37.48
CA GLU C 106 -6.45 -26.16 -38.06
C GLU C 106 -7.76 -25.45 -37.71
N HIS C 107 -7.81 -24.75 -36.58
CA HIS C 107 -9.06 -24.22 -36.09
C HIS C 107 -9.10 -22.73 -35.73
N ALA C 108 -7.95 -22.06 -35.67
CA ALA C 108 -7.90 -20.64 -35.29
C ALA C 108 -7.66 -19.77 -36.51
N SER C 109 -7.78 -18.46 -36.32
CA SER C 109 -7.45 -17.49 -37.36
C SER C 109 -6.00 -17.65 -37.74
N ALA C 110 -5.69 -17.47 -39.04
CA ALA C 110 -4.30 -17.53 -39.47
C ALA C 110 -3.39 -16.52 -38.77
N ASP C 111 -3.90 -15.34 -38.41
CA ASP C 111 -3.04 -14.35 -37.75
C ASP C 111 -3.26 -14.22 -36.25
N VAL C 112 -3.79 -15.25 -35.63
CA VAL C 112 -3.96 -15.25 -34.17
C VAL C 112 -2.59 -15.05 -33.51
N GLU C 113 -2.55 -14.27 -32.44
CA GLU C 113 -1.32 -14.06 -31.70
C GLU C 113 -1.15 -15.22 -30.75
N LYS C 114 0.06 -15.76 -30.68
CA LYS C 114 0.36 -16.96 -29.88
C LYS C 114 1.51 -16.67 -28.95
N MET C 115 1.46 -17.29 -27.76
CA MET C 115 2.56 -17.21 -26.83
C MET C 115 2.64 -18.54 -26.10
N ILE C 116 3.86 -19.02 -25.89
CA ILE C 116 4.11 -20.25 -25.14
C ILE C 116 4.51 -19.92 -23.69
N LEU C 117 3.85 -20.57 -22.72
CA LEU C 117 4.17 -20.44 -21.29
C LEU C 117 4.64 -21.78 -20.75
N GLY C 118 5.85 -21.80 -20.21
CA GLY C 118 6.35 -22.93 -19.44
C GLY C 118 6.05 -22.70 -17.99
N ASN C 119 4.99 -23.34 -17.51
CA ASN C 119 4.48 -23.11 -16.16
C ASN C 119 5.11 -24.04 -15.13
N LYS C 120 4.92 -23.66 -13.87
CA LYS C 120 5.43 -24.36 -12.70
C LYS C 120 6.94 -24.17 -12.54
N CYS C 121 7.42 -22.98 -12.87
CA CYS C 121 8.87 -22.72 -12.80
C CYS C 121 9.36 -22.59 -11.35
N ASP C 122 8.45 -22.62 -10.39
CA ASP C 122 8.78 -22.68 -8.98
C ASP C 122 9.27 -24.06 -8.52
N VAL C 123 9.02 -25.10 -9.32
CA VAL C 123 9.42 -26.44 -8.89
C VAL C 123 10.70 -26.85 -9.63
N ASN C 124 11.75 -26.12 -9.30
CA ASN C 124 13.07 -26.27 -9.91
C ASN C 124 13.59 -27.67 -9.74
N ASP C 125 13.27 -28.29 -8.60
CA ASP C 125 13.83 -29.59 -8.26
C ASP C 125 13.22 -30.73 -9.10
N LYS C 126 12.15 -30.46 -9.83
CA LYS C 126 11.54 -31.46 -10.69
C LYS C 126 11.55 -31.07 -12.16
N ARG C 127 12.31 -30.04 -12.51
CA ARG C 127 12.38 -29.58 -13.89
C ARG C 127 12.84 -30.69 -14.83
N GLN C 128 12.07 -30.90 -15.92
CA GLN C 128 12.45 -31.82 -17.02
C GLN C 128 12.85 -31.05 -18.28
N VAL C 129 12.28 -29.87 -18.49
CA VAL C 129 12.50 -29.12 -19.71
C VAL C 129 13.34 -27.89 -19.38
N SER C 130 14.48 -27.72 -20.04
CA SER C 130 15.26 -26.52 -19.83
C SER C 130 14.49 -25.30 -20.32
N LYS C 131 14.76 -24.15 -19.74
CA LYS C 131 14.18 -22.89 -20.20
C LYS C 131 14.58 -22.66 -21.65
N GLU C 132 15.83 -22.97 -21.96
CA GLU C 132 16.36 -22.77 -23.30
C GLU C 132 15.65 -23.60 -24.38
N ARG C 133 15.22 -24.81 -24.06
CA ARG C 133 14.44 -25.57 -25.04
C ARG C 133 13.09 -24.96 -25.30
N GLY C 134 12.46 -24.43 -24.27
CA GLY C 134 11.25 -23.66 -24.47
C GLY C 134 11.46 -22.44 -25.35
N GLU C 135 12.51 -21.67 -25.07
CA GLU C 135 12.81 -20.49 -25.85
CA GLU C 135 12.86 -20.49 -25.85
C GLU C 135 13.04 -20.85 -27.33
N LYS C 136 13.76 -21.94 -27.56
CA LYS C 136 14.08 -22.37 -28.93
C LYS C 136 12.83 -22.83 -29.70
N LEU C 137 11.94 -23.59 -29.04
CA LEU C 137 10.68 -23.98 -29.67
C LEU C 137 9.90 -22.73 -30.08
N ALA C 138 9.77 -21.77 -29.18
CA ALA C 138 9.09 -20.51 -29.51
C ALA C 138 9.77 -19.75 -30.66
N LEU C 139 11.09 -19.67 -30.62
CA LEU C 139 11.84 -19.05 -31.70
C LEU C 139 11.56 -19.73 -33.05
N ASP C 140 11.52 -21.06 -33.04
CA ASP C 140 11.25 -21.86 -34.25
C ASP C 140 9.90 -21.51 -34.88
N TYR C 141 8.94 -21.08 -34.07
CA TYR C 141 7.60 -20.71 -34.55
C TYR C 141 7.35 -19.20 -34.65
N GLY C 142 8.36 -18.38 -34.32
CA GLY C 142 8.24 -16.94 -34.43
C GLY C 142 7.32 -16.33 -33.41
N ILE C 143 7.30 -16.91 -32.21
CA ILE C 143 6.42 -16.42 -31.16
C ILE C 143 7.12 -16.29 -29.84
N LYS C 144 6.48 -15.56 -28.94
CA LYS C 144 7.09 -15.27 -27.66
C LYS C 144 6.93 -16.39 -26.66
N PHE C 145 7.79 -16.35 -25.65
CA PHE C 145 7.94 -17.40 -24.65
C PHE C 145 8.20 -16.79 -23.29
N MET C 146 7.57 -17.36 -22.26
CA MET C 146 7.92 -17.04 -20.87
C MET C 146 7.78 -18.26 -20.00
N GLU C 147 8.67 -18.39 -19.01
CA GLU C 147 8.45 -19.34 -17.92
C GLU C 147 7.68 -18.64 -16.83
N THR C 148 6.66 -19.32 -16.32
CA THR C 148 5.74 -18.74 -15.37
C THR C 148 5.57 -19.62 -14.14
N SER C 149 5.08 -19.02 -13.07
CA SER C 149 4.55 -19.79 -11.96
C SER C 149 3.26 -19.16 -11.49
N ALA C 150 2.17 -19.88 -11.62
CA ALA C 150 0.91 -19.45 -11.03
C ALA C 150 1.01 -19.46 -9.52
N LYS C 151 1.69 -20.44 -8.98
CA LYS C 151 1.73 -20.62 -7.54
C LYS C 151 2.56 -19.54 -6.84
N ALA C 152 3.69 -19.16 -7.46
CA ALA C 152 4.63 -18.21 -6.86
C ALA C 152 4.55 -16.81 -7.48
N ASN C 153 3.56 -16.61 -8.37
CA ASN C 153 3.32 -15.32 -9.02
C ASN C 153 4.54 -14.81 -9.80
N ILE C 154 5.01 -15.65 -10.72
CA ILE C 154 6.13 -15.30 -11.59
C ILE C 154 5.67 -15.24 -13.03
N ASN C 155 5.84 -14.06 -13.63
CA ASN C 155 5.58 -13.79 -15.04
C ASN C 155 4.18 -13.95 -15.57
N VAL C 156 3.19 -14.15 -14.71
CA VAL C 156 1.83 -14.33 -15.20
C VAL C 156 1.28 -12.99 -15.69
N GLU C 157 1.41 -11.93 -14.89
CA GLU C 157 0.98 -10.62 -15.37
C GLU C 157 1.80 -10.20 -16.59
N ASN C 158 3.11 -10.44 -16.57
CA ASN C 158 3.95 -10.06 -17.69
C ASN C 158 3.46 -10.75 -18.98
N ALA C 159 3.08 -12.02 -18.87
CA ALA C 159 2.66 -12.80 -20.04
C ALA C 159 1.42 -12.17 -20.68
N PHE C 160 0.39 -11.93 -19.87
CA PHE C 160 -0.85 -11.37 -20.38
C PHE C 160 -0.72 -9.95 -20.89
N PHE C 161 0.05 -9.13 -20.18
CA PHE C 161 0.24 -7.74 -20.62
C PHE C 161 0.99 -7.70 -21.95
N THR C 162 1.96 -8.60 -22.09
CA THR C 162 2.75 -8.69 -23.32
C THR C 162 1.87 -9.14 -24.49
N LEU C 163 1.07 -10.18 -24.28
CA LEU C 163 0.18 -10.65 -25.33
C LEU C 163 -0.82 -9.56 -25.72
N ALA C 164 -1.39 -8.89 -24.73
CA ALA C 164 -2.30 -7.78 -24.97
C ALA C 164 -1.66 -6.66 -25.77
N ARG C 165 -0.46 -6.31 -25.40
CA ARG C 165 0.26 -5.24 -26.10
C ARG C 165 0.50 -5.59 -27.56
N ASP C 166 0.79 -6.84 -27.81
CA ASP C 166 1.05 -7.29 -29.19
C ASP C 166 -0.21 -7.33 -30.04
N ILE C 167 -1.32 -7.75 -29.44
CA ILE C 167 -2.61 -7.70 -30.11
C ILE C 167 -2.97 -6.24 -30.40
N LYS C 168 -2.75 -5.37 -29.42
CA LYS C 168 -3.05 -3.94 -29.55
C LYS C 168 -2.24 -3.33 -30.69
N ALA C 169 -0.96 -3.65 -30.74
CA ALA C 169 -0.08 -3.10 -31.78
C ALA C 169 -0.61 -3.46 -33.17
N LYS C 170 -1.10 -4.68 -33.32
CA LYS C 170 -1.62 -5.16 -34.61
C LYS C 170 -2.90 -4.43 -34.98
N MET C 171 -3.78 -4.30 -34.01
CA MET C 171 -5.06 -3.57 -34.14
C MET C 171 -4.87 -2.13 -34.59
N ASP C 172 -3.90 -1.45 -33.97
CA ASP C 172 -3.68 -0.02 -34.18
C ASP C 172 -3.11 0.27 -35.56
N LYS C 173 -2.46 -0.72 -36.16
CA LYS C 173 -1.92 -0.58 -37.52
C LYS C 173 -3.10 -0.46 -38.50
N LYS C 174 -4.14 -1.24 -38.25
CA LYS C 174 -5.47 -1.03 -38.83
C LYS C 174 -5.56 -1.47 -40.29
N SER D 2 18.10 4.62 -34.94
CA SER D 2 18.88 5.63 -34.59
C SER D 2 18.47 6.76 -35.37
N HIS D 3 17.16 6.89 -35.53
CA HIS D 3 16.55 7.00 -36.82
C HIS D 3 15.15 7.55 -36.93
N ASP D 4 14.18 6.81 -36.49
CA ASP D 4 12.83 7.30 -36.50
C ASP D 4 12.55 8.29 -35.37
N TYR D 5 13.06 7.96 -34.20
CA TYR D 5 12.89 8.79 -33.07
C TYR D 5 14.23 8.93 -32.37
N LEU D 6 14.41 10.03 -31.71
CA LEU D 6 15.61 10.32 -30.95
C LEU D 6 15.17 10.92 -29.64
N PHE D 7 15.36 10.19 -28.54
CA PHE D 7 14.93 10.66 -27.21
C PHE D 7 16.13 10.91 -26.32
N LYS D 8 16.14 12.06 -25.67
CA LYS D 8 17.17 12.45 -24.75
C LYS D 8 16.71 12.10 -23.33
N LEU D 9 17.47 11.26 -22.65
CA LEU D 9 17.17 10.83 -21.30
C LEU D 9 18.27 11.25 -20.34
N LEU D 10 17.91 11.41 -19.07
CA LEU D 10 18.84 11.77 -18.02
C LEU D 10 18.67 10.82 -16.84
N LEU D 11 19.77 10.49 -16.16
CA LEU D 11 19.70 9.81 -14.86
CA LEU D 11 19.73 9.81 -14.88
C LEU D 11 20.19 10.80 -13.81
N ILE D 12 19.40 11.00 -12.79
CA ILE D 12 19.76 11.86 -11.68
C ILE D 12 19.53 11.14 -10.37
N GLY D 13 20.16 11.64 -9.31
CA GLY D 13 20.11 11.03 -8.00
C GLY D 13 21.43 11.18 -7.26
N ASP D 14 21.40 10.90 -5.96
CA ASP D 14 22.58 11.08 -5.11
C ASP D 14 23.78 10.26 -5.59
N SER D 15 24.96 10.73 -5.23
CA SER D 15 26.16 9.99 -5.46
C SER D 15 26.09 8.63 -4.77
N GLY D 16 26.46 7.59 -5.50
CA GLY D 16 26.60 6.26 -4.94
C GLY D 16 25.42 5.36 -5.15
N VAL D 17 24.34 5.87 -5.74
CA VAL D 17 23.10 5.07 -5.86
C VAL D 17 23.15 4.02 -6.97
N GLY D 18 24.06 4.19 -7.93
CA GLY D 18 24.26 3.25 -9.04
C GLY D 18 23.87 3.74 -10.43
N LYS D 19 23.75 5.05 -10.62
CA LYS D 19 23.34 5.59 -11.91
C LYS D 19 24.27 5.12 -13.05
N THR D 20 25.57 5.22 -12.84
CA THR D 20 26.53 4.80 -13.84
C THR D 20 26.40 3.31 -14.16
N CYS D 21 26.23 2.52 -13.12
CA CYS D 21 26.03 1.10 -13.29
C CYS D 21 24.70 0.77 -13.98
N VAL D 22 23.64 1.46 -13.61
CA VAL D 22 22.35 1.24 -14.30
C VAL D 22 22.50 1.53 -15.80
N LEU D 23 23.13 2.65 -16.15
CA LEU D 23 23.34 2.97 -17.55
C LEU D 23 24.23 1.94 -18.26
N PHE D 24 25.26 1.46 -17.58
CA PHE D 24 26.14 0.47 -18.16
C PHE D 24 25.42 -0.85 -18.42
N ARG D 25 24.56 -1.25 -17.50
CA ARG D 25 23.76 -2.45 -17.70
C ARG D 25 22.87 -2.28 -18.93
N PHE D 26 22.23 -1.12 -19.04
CA PHE D 26 21.36 -0.85 -20.17
C PHE D 26 22.09 -0.78 -21.50
N SER D 27 23.18 -0.02 -21.54
CA SER D 27 23.82 0.28 -22.80
C SER D 27 24.78 -0.81 -23.24
N GLU D 28 25.38 -1.54 -22.29
CA GLU D 28 26.38 -2.55 -22.62
C GLU D 28 26.07 -3.95 -22.07
N ASP D 29 24.91 -4.15 -21.45
CA ASP D 29 24.45 -5.46 -20.95
C ASP D 29 25.54 -6.13 -20.10
N ALA D 30 26.09 -5.35 -19.18
CA ALA D 30 27.23 -5.80 -18.42
C ALA D 30 27.26 -5.11 -17.08
N PHE D 31 28.15 -5.61 -16.22
CA PHE D 31 28.43 -5.00 -14.92
C PHE D 31 29.95 -4.90 -14.76
N ASN D 32 30.39 -3.80 -14.19
CA ASN D 32 31.78 -3.56 -13.87
C ASN D 32 31.81 -2.85 -12.52
N SER D 33 32.37 -3.52 -11.51
CA SER D 33 32.35 -3.00 -10.13
C SER D 33 33.37 -1.91 -9.86
N THR D 34 34.17 -1.55 -10.86
CA THR D 34 35.35 -0.70 -10.62
C THR D 34 35.14 0.76 -11.02
N PHE D 35 33.96 1.13 -11.48
CA PHE D 35 33.75 2.52 -11.91
C PHE D 35 33.87 3.46 -10.73
N ILE D 36 34.47 4.63 -10.94
CA ILE D 36 34.54 5.60 -9.85
C ILE D 36 33.43 6.62 -10.03
N SER D 37 33.27 7.46 -9.01
CA SER D 37 32.26 8.52 -9.03
CA SER D 37 32.28 8.52 -9.01
C SER D 37 32.45 9.37 -10.27
N THR D 38 31.35 9.74 -10.89
CA THR D 38 31.33 10.48 -12.13
C THR D 38 31.73 11.93 -11.91
N ILE D 39 32.58 12.43 -12.80
CA ILE D 39 32.97 13.83 -12.80
C ILE D 39 32.14 14.59 -13.82
N GLY D 40 31.18 15.35 -13.28
CA GLY D 40 30.27 16.16 -14.07
C GLY D 40 29.18 15.36 -14.73
N ILE D 41 29.47 14.88 -15.92
CA ILE D 41 28.49 14.19 -16.72
C ILE D 41 29.16 13.17 -17.60
N ASP D 42 28.40 12.14 -17.98
CA ASP D 42 28.86 11.11 -18.89
C ASP D 42 27.70 10.82 -19.85
N PHE D 43 27.96 10.16 -20.97
CA PHE D 43 26.98 10.03 -22.04
C PHE D 43 27.07 8.66 -22.71
N LYS D 44 25.94 7.98 -22.88
CA LYS D 44 25.90 6.72 -23.62
C LYS D 44 24.70 6.68 -24.55
N ILE D 45 24.81 5.91 -25.64
CA ILE D 45 23.71 5.71 -26.60
C ILE D 45 23.29 4.25 -26.66
N ARG D 46 21.98 4.05 -26.79
CA ARG D 46 21.47 2.75 -27.17
C ARG D 46 20.20 2.91 -27.98
N THR D 47 20.17 2.26 -29.13
CA THR D 47 18.98 2.25 -29.97
C THR D 47 18.20 0.97 -29.72
N ILE D 48 16.90 1.14 -29.49
CA ILE D 48 16.00 0.03 -29.27
C ILE D 48 14.93 0.03 -30.36
N GLU D 49 14.11 -1.00 -30.41
CA GLU D 49 13.05 -1.09 -31.42
C GLU D 49 11.67 -1.13 -30.75
N LEU D 50 10.77 -0.25 -31.19
CA LEU D 50 9.39 -0.18 -30.67
C LEU D 50 8.44 0.05 -31.85
N ASP D 51 7.38 -0.75 -31.93
CA ASP D 51 6.38 -0.62 -33.00
C ASP D 51 7.01 -0.70 -34.40
N GLY D 52 8.09 -1.46 -34.55
CA GLY D 52 8.80 -1.52 -35.83
C GLY D 52 9.54 -0.24 -36.20
N LYS D 53 9.79 0.62 -35.22
CA LYS D 53 10.53 1.85 -35.47
C LYS D 53 11.81 1.84 -34.63
N ARG D 54 12.83 2.50 -35.15
CA ARG D 54 14.10 2.59 -34.47
C ARG D 54 14.05 3.80 -33.54
N ILE D 55 14.28 3.55 -32.24
CA ILE D 55 14.27 4.60 -31.21
C ILE D 55 15.67 4.75 -30.63
N LYS D 56 16.36 5.81 -30.98
CA LYS D 56 17.70 6.05 -30.45
C LYS D 56 17.61 6.81 -29.15
N LEU D 57 18.20 6.25 -28.13
CA LEU D 57 18.20 6.85 -26.81
C LEU D 57 19.58 7.43 -26.54
N GLN D 58 19.62 8.73 -26.32
CA GLN D 58 20.83 9.46 -25.95
C GLN D 58 20.70 9.72 -24.46
N ILE D 59 21.57 9.10 -23.66
CA ILE D 59 21.38 9.03 -22.22
C ILE D 59 22.53 9.69 -21.48
N TRP D 60 22.19 10.76 -20.76
CA TRP D 60 23.15 11.51 -19.95
C TRP D 60 23.14 11.02 -18.52
N ASP D 61 24.32 10.65 -18.05
CA ASP D 61 24.55 10.14 -16.73
C ASP D 61 25.19 11.23 -15.89
N THR D 62 24.45 11.76 -14.94
CA THR D 62 24.92 12.90 -14.17
C THR D 62 25.72 12.49 -12.94
N ALA D 63 26.64 13.35 -12.52
CA ALA D 63 27.26 13.21 -11.22
C ALA D 63 26.26 13.61 -10.15
N GLY D 64 26.18 12.80 -9.11
CA GLY D 64 25.29 13.06 -8.00
C GLY D 64 25.79 13.99 -6.92
N GLN D 65 27.09 14.19 -6.83
CA GLN D 65 27.64 15.03 -5.76
C GLN D 65 27.19 16.47 -5.89
N GLU D 66 26.91 17.08 -4.74
CA GLU D 66 26.32 18.43 -4.68
C GLU D 66 27.15 19.43 -5.47
N ARG D 67 28.47 19.25 -5.47
CA ARG D 67 29.33 20.22 -6.14
C ARG D 67 29.12 20.29 -7.66
N PHE D 68 28.53 19.25 -8.25
CA PHE D 68 28.25 19.23 -9.69
C PHE D 68 26.84 19.71 -10.04
N ARG D 69 26.07 20.19 -9.07
CA ARG D 69 24.65 20.54 -9.28
C ARG D 69 24.42 21.39 -10.51
N THR D 70 25.19 22.47 -10.60
CA THR D 70 24.96 23.48 -11.60
C THR D 70 25.34 22.92 -12.96
N ILE D 71 26.39 22.10 -12.96
CA ILE D 71 26.84 21.48 -14.20
C ILE D 71 25.80 20.50 -14.75
N THR D 72 25.28 19.64 -13.90
CA THR D 72 24.35 18.63 -14.36
C THR D 72 22.98 19.22 -14.71
N THR D 73 22.59 20.27 -13.99
CA THR D 73 21.31 20.92 -14.23
C THR D 73 21.21 21.53 -15.63
N ALA D 74 22.36 21.79 -16.26
CA ALA D 74 22.38 22.29 -17.65
C ALA D 74 21.86 21.30 -18.70
N TYR D 75 21.75 20.03 -18.33
CA TYR D 75 21.27 19.01 -19.27
C TYR D 75 19.79 18.72 -19.10
N TYR D 76 19.14 19.42 -18.17
CA TYR D 76 17.72 19.18 -17.97
C TYR D 76 16.87 19.73 -19.12
N ARG D 77 17.25 20.89 -19.67
CA ARG D 77 16.43 21.58 -20.66
C ARG D 77 15.91 20.64 -21.76
N GLY D 78 16.79 19.94 -22.44
CA GLY D 78 16.27 19.11 -23.56
C GLY D 78 15.77 17.72 -23.19
N ALA D 79 15.78 17.39 -21.90
CA ALA D 79 15.45 16.02 -21.47
C ALA D 79 14.00 15.71 -21.79
N MET D 80 13.79 14.52 -22.37
CA MET D 80 12.44 14.01 -22.64
C MET D 80 11.98 13.02 -21.59
N GLY D 81 12.93 12.35 -20.93
CA GLY D 81 12.63 11.48 -19.83
C GLY D 81 13.77 11.52 -18.83
N ILE D 82 13.42 11.39 -17.56
CA ILE D 82 14.38 11.40 -16.46
C ILE D 82 14.12 10.24 -15.48
N MET D 83 15.18 9.46 -15.24
CA MET D 83 15.20 8.46 -14.17
C MET D 83 15.73 9.11 -12.91
N LEU D 84 14.94 9.07 -11.84
CA LEU D 84 15.36 9.51 -10.52
C LEU D 84 15.72 8.27 -9.73
N VAL D 85 16.99 8.15 -9.37
CA VAL D 85 17.51 6.91 -8.83
C VAL D 85 17.87 7.11 -7.35
N TYR D 86 17.42 6.17 -6.52
CA TYR D 86 17.90 6.02 -5.16
C TYR D 86 18.44 4.61 -4.95
N ASP D 87 19.02 4.40 -3.77
CA ASP D 87 19.61 3.12 -3.36
C ASP D 87 18.76 2.59 -2.22
N ILE D 88 18.19 1.39 -2.39
CA ILE D 88 17.28 0.80 -1.39
C ILE D 88 17.99 0.54 -0.06
N THR D 89 19.31 0.52 -0.07
CA THR D 89 20.09 0.30 1.15
C THR D 89 20.49 1.61 1.82
N ASN D 90 20.02 2.74 1.29
CA ASN D 90 20.41 4.08 1.77
C ASN D 90 19.19 5.00 1.87
N GLU D 91 18.57 5.06 3.05
CA GLU D 91 17.40 5.91 3.26
C GLU D 91 17.66 7.39 2.91
N LYS D 92 18.85 7.91 3.19
CA LYS D 92 19.16 9.31 2.84
C LYS D 92 18.96 9.55 1.35
N SER D 93 19.41 8.61 0.53
CA SER D 93 19.26 8.79 -0.92
C SER D 93 17.79 8.82 -1.36
N PHE D 94 16.95 8.07 -0.65
CA PHE D 94 15.51 8.09 -0.88
C PHE D 94 14.89 9.42 -0.43
N ASP D 95 15.28 9.88 0.76
CA ASP D 95 14.78 11.17 1.28
C ASP D 95 15.07 12.29 0.29
N ASN D 96 16.21 12.22 -0.38
CA ASN D 96 16.59 13.24 -1.35
C ASN D 96 15.85 13.23 -2.68
N ILE D 97 15.11 12.16 -2.98
CA ILE D 97 14.32 12.13 -4.22
C ILE D 97 13.38 13.33 -4.33
N ARG D 98 12.81 13.77 -3.21
CA ARG D 98 11.93 14.94 -3.26
C ARG D 98 12.68 16.21 -3.69
N ASN D 99 13.93 16.33 -3.28
CA ASN D 99 14.79 17.44 -3.73
C ASN D 99 15.12 17.35 -5.22
N TRP D 100 15.38 16.13 -5.69
CA TRP D 100 15.60 15.93 -7.12
C TRP D 100 14.35 16.24 -7.95
N ILE D 101 13.18 15.86 -7.46
CA ILE D 101 11.93 16.19 -8.11
C ILE D 101 11.74 17.71 -8.25
N ARG D 102 12.10 18.45 -7.20
CA ARG D 102 12.03 19.90 -7.22
C ARG D 102 12.95 20.48 -8.29
N ASN D 103 14.14 19.90 -8.39
CA ASN D 103 15.11 20.35 -9.38
C ASN D 103 14.55 20.16 -10.78
N ILE D 104 13.88 19.02 -11.02
CA ILE D 104 13.22 18.78 -12.30
C ILE D 104 12.11 19.80 -12.55
N GLU D 105 11.28 20.03 -11.55
CA GLU D 105 10.18 21.00 -11.66
C GLU D 105 10.69 22.38 -12.07
N GLU D 106 11.82 22.76 -11.50
CA GLU D 106 12.41 24.08 -11.75
C GLU D 106 13.12 24.21 -13.09
N HIS D 107 13.68 23.12 -13.61
CA HIS D 107 14.60 23.24 -14.76
C HIS D 107 14.25 22.45 -16.02
N ALA D 108 13.39 21.44 -15.90
CA ALA D 108 13.02 20.62 -17.04
C ALA D 108 11.70 21.10 -17.64
N SER D 109 11.40 20.57 -18.82
CA SER D 109 10.10 20.76 -19.45
C SER D 109 8.99 20.33 -18.50
N ALA D 110 7.88 21.05 -18.59
CA ALA D 110 6.74 20.80 -17.72
C ALA D 110 6.20 19.38 -17.83
N ASP D 111 6.18 18.83 -19.03
CA ASP D 111 5.63 17.48 -19.24
C ASP D 111 6.72 16.42 -19.41
N VAL D 112 7.91 16.66 -18.88
CA VAL D 112 8.98 15.67 -18.98
C VAL D 112 8.50 14.37 -18.33
N GLU D 113 8.79 13.24 -18.96
CA GLU D 113 8.47 11.95 -18.37
C GLU D 113 9.44 11.62 -17.26
N LYS D 114 8.94 11.09 -16.17
CA LYS D 114 9.75 10.81 -14.98
C LYS D 114 9.46 9.41 -14.48
N MET D 115 10.49 8.75 -13.98
CA MET D 115 10.36 7.44 -13.38
C MET D 115 11.32 7.35 -12.21
N ILE D 116 10.87 6.76 -11.10
CA ILE D 116 11.74 6.55 -9.94
C ILE D 116 12.24 5.11 -9.95
N LEU D 117 13.55 4.94 -9.76
CA LEU D 117 14.21 3.65 -9.68
C LEU D 117 14.83 3.48 -8.29
N GLY D 118 14.43 2.42 -7.59
CA GLY D 118 15.06 2.04 -6.35
C GLY D 118 16.06 0.96 -6.66
N ASN D 119 17.33 1.38 -6.77
CA ASN D 119 18.39 0.48 -7.22
C ASN D 119 19.06 -0.29 -6.08
N LYS D 120 19.85 -1.31 -6.46
CA LYS D 120 20.54 -2.23 -5.56
C LYS D 120 19.57 -3.18 -4.84
N CYS D 121 18.52 -3.58 -5.54
CA CYS D 121 17.51 -4.44 -4.91
C CYS D 121 18.00 -5.89 -4.71
N ASP D 122 19.19 -6.19 -5.24
CA ASP D 122 19.90 -7.43 -4.93
C ASP D 122 20.44 -7.52 -3.51
N VAL D 123 20.60 -6.37 -2.85
CA VAL D 123 21.23 -6.33 -1.53
C VAL D 123 20.15 -6.40 -0.45
N ASN D 124 19.45 -7.54 -0.44
CA ASN D 124 18.30 -7.79 0.45
C ASN D 124 18.64 -7.49 1.90
N ASP D 125 19.81 -7.96 2.30
CA ASP D 125 20.22 -7.97 3.69
C ASP D 125 20.64 -6.60 4.25
N LYS D 126 20.63 -5.57 3.40
CA LYS D 126 20.97 -4.20 3.83
C LYS D 126 19.86 -3.20 3.50
N ARG D 127 18.69 -3.70 3.16
CA ARG D 127 17.60 -2.84 2.76
C ARG D 127 17.22 -1.87 3.87
N GLN D 128 17.12 -0.58 3.53
CA GLN D 128 16.66 0.46 4.46
C GLN D 128 15.31 1.09 4.06
N VAL D 129 14.91 0.93 2.82
CA VAL D 129 13.69 1.53 2.29
C VAL D 129 12.83 0.39 1.79
N SER D 130 11.60 0.26 2.28
CA SER D 130 10.73 -0.80 1.76
C SER D 130 10.33 -0.51 0.33
N LYS D 131 9.96 -1.57 -0.39
CA LYS D 131 9.48 -1.41 -1.75
C LYS D 131 8.24 -0.52 -1.74
N GLU D 132 7.41 -0.72 -0.73
CA GLU D 132 6.11 -0.03 -0.66
C GLU D 132 6.29 1.47 -0.42
N ARG D 133 7.34 1.84 0.29
CA ARG D 133 7.60 3.25 0.53
C ARG D 133 7.97 3.94 -0.79
N GLY D 134 8.75 3.24 -1.63
CA GLY D 134 9.08 3.75 -2.95
C GLY D 134 7.86 3.87 -3.83
N GLU D 135 7.03 2.82 -3.83
CA GLU D 135 5.88 2.86 -4.69
CA GLU D 135 5.81 2.83 -4.62
C GLU D 135 4.92 3.98 -4.24
N LYS D 136 4.83 4.26 -2.94
CA LYS D 136 3.94 5.30 -2.44
C LYS D 136 4.46 6.69 -2.78
N LEU D 137 5.77 6.88 -2.75
CA LEU D 137 6.33 8.16 -3.16
C LEU D 137 6.00 8.43 -4.62
N ALA D 138 6.15 7.41 -5.47
CA ALA D 138 5.85 7.56 -6.89
C ALA D 138 4.38 7.87 -7.11
N LEU D 139 3.52 7.20 -6.34
CA LEU D 139 2.07 7.44 -6.41
C LEU D 139 1.77 8.90 -6.03
N ASP D 140 2.41 9.41 -4.98
CA ASP D 140 2.23 10.81 -4.56
C ASP D 140 2.57 11.80 -5.69
N TYR D 141 3.50 11.43 -6.56
CA TYR D 141 3.92 12.34 -7.64
C TYR D 141 3.34 11.96 -9.01
N GLY D 142 2.53 10.91 -9.06
CA GLY D 142 1.85 10.51 -10.28
C GLY D 142 2.75 9.91 -11.34
N ILE D 143 3.79 9.23 -10.90
CA ILE D 143 4.75 8.69 -11.83
C ILE D 143 5.09 7.25 -11.52
N LYS D 144 5.77 6.61 -12.46
CA LYS D 144 6.05 5.21 -12.36
C LYS D 144 7.27 4.90 -11.48
N PHE D 145 7.32 3.66 -11.01
CA PHE D 145 8.31 3.19 -10.06
C PHE D 145 8.74 1.77 -10.39
N MET D 146 10.03 1.50 -10.26
CA MET D 146 10.55 0.13 -10.28
C MET D 146 11.72 0.00 -9.33
N GLU D 147 11.85 -1.16 -8.70
CA GLU D 147 13.09 -1.55 -8.05
C GLU D 147 13.98 -2.27 -9.06
N THR D 148 15.25 -1.86 -9.08
CA THR D 148 16.19 -2.37 -10.06
C THR D 148 17.45 -2.93 -9.40
N SER D 149 18.19 -3.71 -10.17
CA SER D 149 19.56 -4.05 -9.80
C SER D 149 20.40 -4.04 -11.04
N ALA D 150 21.35 -3.11 -11.09
CA ALA D 150 22.35 -3.16 -12.17
C ALA D 150 23.20 -4.42 -12.09
N LYS D 151 23.51 -4.83 -10.88
CA LYS D 151 24.41 -5.97 -10.68
C LYS D 151 23.78 -7.29 -11.09
N ALA D 152 22.54 -7.50 -10.67
CA ALA D 152 21.84 -8.77 -10.90
C ALA D 152 20.97 -8.73 -12.16
N ASN D 153 20.99 -7.61 -12.87
CA ASN D 153 20.20 -7.41 -14.07
C ASN D 153 18.70 -7.57 -13.85
N ILE D 154 18.16 -6.77 -12.93
CA ILE D 154 16.74 -6.76 -12.60
C ILE D 154 16.13 -5.42 -12.97
N ASN D 155 15.13 -5.47 -13.86
CA ASN D 155 14.29 -4.34 -14.26
C ASN D 155 14.98 -3.16 -14.93
N VAL D 156 16.25 -3.30 -15.30
CA VAL D 156 16.90 -2.17 -15.96
C VAL D 156 16.37 -2.01 -17.39
N GLU D 157 16.34 -3.09 -18.14
CA GLU D 157 15.75 -3.05 -19.47
C GLU D 157 14.29 -2.60 -19.39
N ASN D 158 13.55 -3.18 -18.45
CA ASN D 158 12.14 -2.84 -18.31
C ASN D 158 11.94 -1.36 -18.07
N ALA D 159 12.78 -0.79 -17.21
CA ALA D 159 12.65 0.62 -16.85
C ALA D 159 12.84 1.52 -18.06
N PHE D 160 13.89 1.29 -18.84
CA PHE D 160 14.14 2.11 -20.02
C PHE D 160 13.14 1.91 -21.14
N PHE D 161 12.74 0.66 -21.36
CA PHE D 161 11.71 0.38 -22.36
C PHE D 161 10.38 1.04 -22.00
N THR D 162 10.03 1.02 -20.72
CA THR D 162 8.79 1.65 -20.24
C THR D 162 8.86 3.16 -20.44
N LEU D 163 9.97 3.77 -20.03
CA LEU D 163 10.11 5.21 -20.21
C LEU D 163 10.05 5.60 -21.68
N ALA D 164 10.72 4.84 -22.55
CA ALA D 164 10.73 5.12 -23.99
C ALA D 164 9.35 4.95 -24.62
N ARG D 165 8.64 3.94 -24.20
CA ARG D 165 7.30 3.68 -24.71
C ARG D 165 6.41 4.83 -24.37
N ASP D 166 6.54 5.34 -23.18
CA ASP D 166 5.69 6.43 -22.69
C ASP D 166 5.99 7.74 -23.40
N ILE D 167 7.27 8.00 -23.65
CA ILE D 167 7.64 9.16 -24.43
C ILE D 167 7.10 9.02 -25.86
N LYS D 168 7.25 7.84 -26.46
CA LYS D 168 6.80 7.63 -27.84
C LYS D 168 5.30 7.81 -27.97
N ALA D 169 4.54 7.29 -27.01
CA ALA D 169 3.09 7.43 -27.02
C ALA D 169 2.67 8.88 -27.03
N LYS D 170 3.32 9.67 -26.20
CA LYS D 170 2.99 11.08 -26.06
C LYS D 170 3.34 11.84 -27.34
N MET D 171 4.45 11.44 -27.95
CA MET D 171 4.92 12.06 -29.18
C MET D 171 4.01 11.75 -30.37
N ASP D 172 3.48 10.52 -30.39
CA ASP D 172 2.64 10.05 -31.48
C ASP D 172 1.21 10.57 -31.47
N LYS D 173 0.82 11.29 -30.42
CA LYS D 173 -0.55 11.81 -30.35
C LYS D 173 -0.82 12.83 -31.45
N LYS D 174 0.18 13.69 -31.72
CA LYS D 174 0.18 14.53 -32.92
C LYS D 174 -1.03 15.46 -33.01
N ASP E 4 19.36 15.57 13.75
CA ASP E 4 18.47 15.42 12.55
C ASP E 4 17.35 16.47 12.51
N TYR E 5 16.68 16.68 13.65
CA TYR E 5 15.59 17.66 13.75
C TYR E 5 15.76 18.44 15.06
N LEU E 6 15.26 19.67 15.08
CA LEU E 6 15.24 20.48 16.30
C LEU E 6 13.85 21.06 16.41
N PHE E 7 13.09 20.64 17.43
CA PHE E 7 11.74 21.16 17.63
C PHE E 7 11.67 22.04 18.87
N LYS E 8 11.25 23.28 18.66
CA LYS E 8 10.99 24.23 19.75
C LYS E 8 9.60 24.01 20.31
N LEU E 9 9.49 23.61 21.58
CA LEU E 9 8.21 23.35 22.22
C LEU E 9 8.00 24.37 23.32
N LEU E 10 6.75 24.77 23.55
CA LEU E 10 6.40 25.67 24.67
C LEU E 10 5.35 25.00 25.54
N LEU E 11 5.46 25.21 26.84
CA LEU E 11 4.44 24.82 27.80
C LEU E 11 3.80 26.10 28.30
N ILE E 12 2.50 26.24 28.08
CA ILE E 12 1.75 27.40 28.51
C ILE E 12 0.55 27.01 29.35
N GLY E 13 0.13 27.93 30.21
CA GLY E 13 -0.95 27.69 31.14
C GLY E 13 -0.80 28.50 32.41
N ASP E 14 -1.87 28.55 33.18
CA ASP E 14 -1.90 29.31 34.41
C ASP E 14 -0.80 28.87 35.38
N SER E 15 -0.40 29.79 36.25
CA SER E 15 0.49 29.44 37.33
C SER E 15 -0.13 28.35 38.20
N GLY E 16 0.66 27.34 38.53
CA GLY E 16 0.23 26.31 39.46
C GLY E 16 -0.31 25.05 38.83
N VAL E 17 -0.46 25.00 37.51
CA VAL E 17 -1.06 23.82 36.86
C VAL E 17 -0.14 22.60 36.78
N GLY E 18 1.16 22.82 36.90
CA GLY E 18 2.18 21.80 36.91
C GLY E 18 3.09 21.74 35.69
N LYS E 19 3.22 22.83 34.93
CA LYS E 19 4.08 22.84 33.76
C LYS E 19 5.51 22.42 34.09
N THR E 20 6.07 23.04 35.13
CA THR E 20 7.45 22.74 35.53
C THR E 20 7.60 21.30 35.97
N CYS E 21 6.66 20.80 36.74
CA CYS E 21 6.69 19.39 37.15
C CYS E 21 6.50 18.42 35.97
N VAL E 22 5.65 18.77 35.02
CA VAL E 22 5.48 17.92 33.83
C VAL E 22 6.82 17.85 33.11
N LEU E 23 7.47 19.00 32.91
CA LEU E 23 8.74 19.00 32.19
C LEU E 23 9.81 18.24 32.97
N PHE E 24 9.78 18.36 34.30
CA PHE E 24 10.78 17.71 35.14
C PHE E 24 10.62 16.19 35.09
N ARG E 25 9.38 15.73 35.04
CA ARG E 25 9.14 14.31 34.88
C ARG E 25 9.69 13.85 33.54
N PHE E 26 9.45 14.62 32.50
CA PHE E 26 9.93 14.25 31.17
C PHE E 26 11.45 14.23 31.08
N SER E 27 12.08 15.25 31.67
CA SER E 27 13.51 15.45 31.60
C SER E 27 14.31 14.51 32.53
N GLU E 28 13.77 14.28 33.73
CA GLU E 28 14.50 13.59 34.81
C GLU E 28 13.82 12.32 35.36
N ASP E 29 12.61 12.02 34.89
CA ASP E 29 11.80 10.91 35.40
C ASP E 29 11.75 10.94 36.92
N ALA E 30 11.42 12.11 37.45
CA ALA E 30 11.27 12.29 38.89
C ALA E 30 10.20 13.33 39.15
N PHE E 31 9.79 13.41 40.41
CA PHE E 31 8.89 14.45 40.87
C PHE E 31 9.37 14.93 42.23
N ASN E 32 9.49 16.23 42.37
CA ASN E 32 9.95 16.91 43.58
C ASN E 32 8.85 17.86 44.01
N SER E 33 8.30 17.66 45.19
CA SER E 33 7.17 18.46 45.66
C SER E 33 7.53 19.83 46.25
N THR E 34 8.82 20.16 46.35
CA THR E 34 9.23 21.42 46.96
C THR E 34 9.20 22.43 45.85
N PHE E 35 8.00 22.96 45.66
CA PHE E 35 7.65 23.74 44.51
C PHE E 35 8.34 25.07 44.49
N ILE E 36 8.67 25.50 43.28
CA ILE E 36 9.22 26.82 43.04
C ILE E 36 8.55 27.31 41.78
N SER E 37 7.72 28.33 41.91
CA SER E 37 7.08 28.95 40.75
C SER E 37 8.16 29.55 39.84
N THR E 38 7.95 29.43 38.55
CA THR E 38 8.92 29.84 37.55
C THR E 38 8.98 31.36 37.45
N ILE E 39 10.21 31.88 37.37
CA ILE E 39 10.46 33.31 37.28
C ILE E 39 11.00 33.64 35.89
N GLY E 40 10.19 34.33 35.11
CA GLY E 40 10.60 34.74 33.78
C GLY E 40 10.26 33.65 32.78
N ILE E 41 11.20 32.74 32.58
CA ILE E 41 11.00 31.56 31.70
C ILE E 41 12.13 30.60 31.99
N ASP E 42 11.94 29.31 31.73
CA ASP E 42 13.04 28.36 31.81
C ASP E 42 13.01 27.45 30.61
N PHE E 43 14.06 26.66 30.41
CA PHE E 43 14.01 25.66 29.35
C PHE E 43 14.83 24.46 29.70
N LYS E 44 14.49 23.36 29.04
CA LYS E 44 15.26 22.11 29.14
C LYS E 44 15.32 21.52 27.74
N ILE E 45 16.36 20.73 27.50
CA ILE E 45 16.54 20.03 26.23
C ILE E 45 16.49 18.55 26.51
N ARG E 46 15.81 17.80 25.65
CA ARG E 46 15.93 16.34 25.67
C ARG E 46 15.90 15.89 24.22
N THR E 47 16.81 14.99 23.86
CA THR E 47 16.85 14.42 22.51
C THR E 47 16.22 13.03 22.57
N ILE E 48 15.23 12.81 21.71
CA ILE E 48 14.55 11.52 21.59
C ILE E 48 14.80 10.95 20.18
N GLU E 49 14.40 9.70 19.98
CA GLU E 49 14.53 9.07 18.66
C GLU E 49 13.15 8.80 18.09
N LEU E 50 12.92 9.25 16.85
CA LEU E 50 11.73 8.91 16.09
C LEU E 50 12.22 8.39 14.76
N ASP E 51 11.71 7.25 14.32
CA ASP E 51 12.06 6.70 13.02
C ASP E 51 13.58 6.59 12.82
N GLY E 52 14.28 6.23 13.89
CA GLY E 52 15.74 6.12 13.84
C GLY E 52 16.48 7.43 13.68
N LYS E 53 15.75 8.54 13.83
CA LYS E 53 16.29 9.88 13.64
C LYS E 53 16.37 10.56 15.00
N ARG E 54 17.38 11.40 15.20
CA ARG E 54 17.51 12.12 16.47
C ARG E 54 16.73 13.44 16.44
N ILE E 55 15.84 13.59 17.41
CA ILE E 55 14.93 14.73 17.47
C ILE E 55 15.28 15.48 18.75
N LYS E 56 15.96 16.62 18.61
CA LYS E 56 16.23 17.48 19.78
C LYS E 56 15.01 18.33 20.10
N LEU E 57 14.52 18.20 21.34
CA LEU E 57 13.40 18.98 21.81
C LEU E 57 13.96 20.06 22.72
N GLN E 58 13.69 21.30 22.35
CA GLN E 58 14.09 22.47 23.13
C GLN E 58 12.79 22.98 23.73
N ILE E 59 12.60 22.76 25.03
CA ILE E 59 11.30 22.88 25.63
C ILE E 59 11.30 24.07 26.59
N TRP E 60 10.43 25.03 26.30
CA TRP E 60 10.35 26.30 27.02
C TRP E 60 9.22 26.22 28.02
N ASP E 61 9.58 26.40 29.28
CA ASP E 61 8.70 26.27 30.41
C ASP E 61 8.35 27.68 30.86
N THR E 62 7.15 28.13 30.49
CA THR E 62 6.78 29.51 30.73
C THR E 62 6.32 29.75 32.15
N ALA E 63 6.49 30.98 32.60
CA ALA E 63 6.02 31.39 33.90
C ALA E 63 4.59 31.84 33.74
N GLY E 64 3.67 31.15 34.42
CA GLY E 64 2.26 31.48 34.38
C GLY E 64 1.80 32.73 35.08
N GLN E 65 2.57 33.23 36.06
CA GLN E 65 2.15 34.42 36.80
C GLN E 65 2.02 35.62 35.89
N GLU E 66 0.98 36.40 36.11
CA GLU E 66 0.63 37.54 35.28
C GLU E 66 1.80 38.49 34.98
N ARG E 67 2.63 38.74 35.99
CA ARG E 67 3.72 39.70 35.86
C ARG E 67 4.80 39.31 34.82
N PHE E 68 4.82 38.05 34.39
CA PHE E 68 5.79 37.57 33.39
C PHE E 68 5.19 37.35 32.03
N ARG E 69 3.95 37.75 31.84
CA ARG E 69 3.28 37.38 30.60
C ARG E 69 3.82 38.11 29.37
N THR E 70 4.41 39.29 29.57
CA THR E 70 5.08 39.98 28.47
C THR E 70 6.37 39.28 28.03
N ILE E 71 6.96 38.48 28.93
CA ILE E 71 8.08 37.63 28.56
C ILE E 71 7.56 36.45 27.75
N THR E 72 6.57 35.76 28.30
CA THR E 72 6.04 34.55 27.68
C THR E 72 5.66 34.73 26.23
N THR E 73 4.88 35.78 25.96
CA THR E 73 4.29 35.92 24.63
C THR E 73 5.35 36.18 23.56
N ALA E 74 6.54 36.62 23.96
CA ALA E 74 7.65 36.78 23.02
C ALA E 74 8.17 35.48 22.44
N TYR E 75 7.81 34.34 23.04
CA TYR E 75 8.37 33.06 22.64
C TYR E 75 7.46 32.24 21.69
N TYR E 76 6.27 32.75 21.42
CA TYR E 76 5.35 32.04 20.50
C TYR E 76 5.93 31.91 19.09
N ARG E 77 6.50 33.01 18.60
CA ARG E 77 7.04 33.06 17.22
C ARG E 77 7.92 31.85 16.87
N GLY E 78 8.94 31.55 17.66
CA GLY E 78 9.69 30.30 17.38
C GLY E 78 8.90 28.97 17.28
N ALA E 79 7.74 28.91 17.95
CA ALA E 79 7.24 27.63 18.44
C ALA E 79 6.77 26.68 17.35
N MET E 80 7.13 25.41 17.50
CA MET E 80 6.68 24.36 16.59
C MET E 80 5.65 23.45 17.25
N GLY E 81 5.62 23.42 18.58
CA GLY E 81 4.58 22.73 19.30
C GLY E 81 4.31 23.45 20.61
N ILE E 82 3.04 23.50 21.01
CA ILE E 82 2.64 24.10 22.29
C ILE E 82 1.78 23.10 23.09
N MET E 83 2.16 22.84 24.35
CA MET E 83 1.31 22.16 25.30
C MET E 83 0.54 23.22 26.08
N LEU E 84 -0.79 23.11 26.04
CA LEU E 84 -1.69 23.96 26.78
C LEU E 84 -2.11 23.17 28.03
N VAL E 85 -1.68 23.62 29.20
CA VAL E 85 -1.81 22.82 30.41
C VAL E 85 -2.81 23.44 31.36
N TYR E 86 -3.76 22.63 31.82
CA TYR E 86 -4.60 23.01 32.95
C TYR E 86 -4.46 21.98 34.08
N ASP E 87 -5.10 22.27 35.21
CA ASP E 87 -5.11 21.45 36.41
C ASP E 87 -6.54 20.92 36.57
N ILE E 88 -6.70 19.59 36.55
CA ILE E 88 -8.05 18.99 36.60
C ILE E 88 -8.77 19.29 37.92
N THR E 89 -8.02 19.74 38.95
CA THR E 89 -8.59 20.16 40.24
C THR E 89 -8.92 21.66 40.28
N ASN E 90 -8.74 22.35 39.15
CA ASN E 90 -8.92 23.80 39.10
C ASN E 90 -9.70 24.21 37.84
N GLU E 91 -10.99 24.40 38.03
CA GLU E 91 -11.93 24.78 36.98
C GLU E 91 -11.47 26.04 36.24
N LYS E 92 -11.04 27.04 36.99
CA LYS E 92 -10.59 28.31 36.39
C LYS E 92 -9.44 28.09 35.40
N SER E 93 -8.51 27.22 35.75
CA SER E 93 -7.34 26.98 34.89
C SER E 93 -7.75 26.36 33.56
N PHE E 94 -8.84 25.60 33.60
CA PHE E 94 -9.41 24.98 32.41
C PHE E 94 -10.14 26.03 31.57
N ASP E 95 -10.96 26.85 32.24
CA ASP E 95 -11.65 27.96 31.59
C ASP E 95 -10.65 28.84 30.84
N ASN E 96 -9.48 29.04 31.45
CA ASN E 96 -8.46 29.91 30.86
C ASN E 96 -7.74 29.36 29.65
N ILE E 97 -7.87 28.07 29.37
CA ILE E 97 -7.29 27.49 28.16
C ILE E 97 -7.79 28.23 26.93
N ARG E 98 -9.07 28.57 26.92
CA ARG E 98 -9.69 29.39 25.86
C ARG E 98 -8.90 30.67 25.63
N ASN E 99 -8.56 31.33 26.73
CA ASN E 99 -7.84 32.60 26.67
C ASN E 99 -6.39 32.44 26.22
N TRP E 100 -5.74 31.37 26.68
CA TRP E 100 -4.40 31.06 26.18
C TRP E 100 -4.41 30.78 24.67
N ILE E 101 -5.41 30.07 24.19
CA ILE E 101 -5.49 29.78 22.76
C ILE E 101 -5.64 31.06 21.98
N ARG E 102 -6.45 31.98 22.50
CA ARG E 102 -6.64 33.26 21.83
C ARG E 102 -5.35 34.08 21.85
N ASN E 103 -4.65 34.02 22.97
CA ASN E 103 -3.38 34.73 23.08
C ASN E 103 -2.38 34.27 22.03
N ILE E 104 -2.33 32.96 21.80
CA ILE E 104 -1.52 32.39 20.73
C ILE E 104 -1.98 32.90 19.36
N GLU E 105 -3.30 33.01 19.17
CA GLU E 105 -3.85 33.54 17.91
C GLU E 105 -3.44 34.99 17.66
N GLU E 106 -3.42 35.79 18.72
CA GLU E 106 -3.10 37.23 18.62
C GLU E 106 -1.65 37.49 18.27
N HIS E 107 -0.80 36.51 18.53
CA HIS E 107 0.58 36.58 18.10
C HIS E 107 0.56 35.71 16.85
N ALA E 108 1.47 34.78 16.72
CA ALA E 108 1.15 33.63 15.90
C ALA E 108 1.94 32.43 16.42
N SER E 109 1.67 31.25 15.91
CA SER E 109 0.62 31.02 14.93
C SER E 109 -0.38 30.09 15.59
N ALA E 110 -1.65 30.30 15.29
CA ALA E 110 -2.65 29.26 15.48
C ALA E 110 -2.27 28.00 14.68
N ASP E 111 -1.43 28.17 13.64
CA ASP E 111 -0.93 27.07 12.81
C ASP E 111 0.04 26.12 13.52
N VAL E 112 0.67 26.58 14.58
CA VAL E 112 1.59 25.75 15.38
C VAL E 112 0.83 24.53 15.93
N GLU E 113 1.51 23.38 16.03
CA GLU E 113 0.90 22.18 16.59
C GLU E 113 0.58 22.40 18.06
N LYS E 114 -0.65 22.11 18.46
CA LYS E 114 -1.10 22.30 19.85
C LYS E 114 -1.69 21.02 20.40
N MET E 115 -1.59 20.85 21.72
CA MET E 115 -2.15 19.72 22.44
C MET E 115 -2.57 20.25 23.80
N ILE E 116 -3.69 19.76 24.34
CA ILE E 116 -4.08 20.16 25.68
CA ILE E 116 -4.16 20.15 25.66
C ILE E 116 -3.86 19.04 26.67
N LEU E 117 -3.22 19.40 27.79
CA LEU E 117 -2.94 18.48 28.88
C LEU E 117 -3.74 18.86 30.10
N GLY E 118 -4.53 17.91 30.60
CA GLY E 118 -5.21 18.05 31.88
C GLY E 118 -4.37 17.37 32.95
N ASN E 119 -3.58 18.18 33.66
CA ASN E 119 -2.62 17.65 34.63
C ASN E 119 -3.20 17.47 36.02
N LYS E 120 -2.47 16.71 36.84
CA LYS E 120 -2.82 16.34 38.21
C LYS E 120 -3.95 15.32 38.24
N CYS E 121 -3.97 14.43 37.25
CA CYS E 121 -5.03 13.43 37.16
C CYS E 121 -4.93 12.35 38.25
N ASP E 122 -3.87 12.41 39.06
CA ASP E 122 -3.72 11.57 40.27
C ASP E 122 -4.58 12.07 41.45
N VAL E 123 -5.09 13.29 41.36
CA VAL E 123 -5.87 13.90 42.43
C VAL E 123 -7.37 13.86 42.11
N ASN E 124 -7.87 12.64 41.84
CA ASN E 124 -9.30 12.47 41.50
C ASN E 124 -10.25 12.92 42.61
N ASP E 125 -9.79 12.72 43.85
CA ASP E 125 -10.33 13.33 45.09
C ASP E 125 -10.85 14.76 44.99
N LYS E 126 -10.12 15.59 44.24
CA LYS E 126 -10.39 17.02 44.19
C LYS E 126 -10.69 17.47 42.78
N ARG E 127 -11.04 16.52 41.92
CA ARG E 127 -11.31 16.83 40.51
C ARG E 127 -12.45 17.86 40.37
N GLN E 128 -12.23 18.86 39.52
CA GLN E 128 -13.24 19.89 39.19
C GLN E 128 -13.65 19.85 37.71
N VAL E 129 -12.87 19.18 36.88
CA VAL E 129 -13.12 19.11 35.44
C VAL E 129 -13.13 17.67 34.98
N SER E 130 -14.26 17.19 34.47
CA SER E 130 -14.32 15.83 33.97
C SER E 130 -13.42 15.62 32.76
N LYS E 131 -12.98 14.38 32.57
CA LYS E 131 -12.16 14.01 31.42
C LYS E 131 -12.85 14.34 30.10
N GLU E 132 -14.17 14.17 30.08
CA GLU E 132 -14.93 14.37 28.85
C GLU E 132 -15.01 15.85 28.46
N ARG E 133 -15.06 16.74 29.44
CA ARG E 133 -15.05 18.18 29.17
C ARG E 133 -13.73 18.60 28.55
N GLY E 134 -12.64 18.04 29.03
CA GLY E 134 -11.34 18.26 28.40
C GLY E 134 -11.32 17.73 27.00
N GLU E 135 -11.91 16.54 26.81
CA GLU E 135 -11.93 15.89 25.51
C GLU E 135 -12.73 16.71 24.51
N LYS E 136 -13.80 17.33 24.98
CA LYS E 136 -14.66 18.12 24.12
C LYS E 136 -13.99 19.44 23.74
N LEU E 137 -13.29 20.05 24.68
CA LEU E 137 -12.58 21.30 24.41
C LEU E 137 -11.56 21.09 23.30
N ALA E 138 -10.78 20.02 23.41
CA ALA E 138 -9.82 19.65 22.37
C ALA E 138 -10.50 19.38 21.03
N LEU E 139 -11.64 18.70 21.07
CA LEU E 139 -12.35 18.40 19.83
C LEU E 139 -12.80 19.68 19.15
N ASP E 140 -13.34 20.62 19.92
CA ASP E 140 -13.77 21.93 19.38
C ASP E 140 -12.65 22.64 18.61
N TYR E 141 -11.43 22.53 19.12
CA TYR E 141 -10.30 23.21 18.50
C TYR E 141 -9.57 22.31 17.51
N GLY E 142 -10.03 21.07 17.39
CA GLY E 142 -9.45 20.11 16.48
C GLY E 142 -8.06 19.66 16.85
N ILE E 143 -7.78 19.54 18.14
CA ILE E 143 -6.46 19.15 18.61
C ILE E 143 -6.54 18.02 19.62
N LYS E 144 -5.39 17.41 19.89
CA LYS E 144 -5.32 16.27 20.79
C LYS E 144 -5.37 16.67 22.24
N PHE E 145 -5.76 15.69 23.06
CA PHE E 145 -5.92 15.85 24.47
C PHE E 145 -5.46 14.62 25.23
N MET E 146 -4.80 14.84 26.36
CA MET E 146 -4.45 13.77 27.30
C MET E 146 -4.56 14.28 28.73
N GLU E 147 -5.00 13.42 29.64
CA GLU E 147 -4.82 13.68 31.07
C GLU E 147 -3.48 13.14 31.51
N THR E 148 -2.77 13.95 32.30
CA THR E 148 -1.43 13.64 32.72
C THR E 148 -1.29 13.75 34.23
N SER E 149 -0.26 13.09 34.75
CA SER E 149 0.19 13.33 36.11
C SER E 149 1.69 13.34 36.11
N ALA E 150 2.28 14.50 36.41
CA ALA E 150 3.72 14.55 36.66
C ALA E 150 4.07 13.71 37.88
N LYS E 151 3.19 13.71 38.88
CA LYS E 151 3.50 13.03 40.13
C LYS E 151 3.47 11.52 40.01
N ALA E 152 2.39 10.99 39.43
CA ALA E 152 2.20 9.55 39.30
C ALA E 152 2.83 8.99 38.03
N ASN E 153 3.34 9.87 37.17
CA ASN E 153 3.94 9.49 35.91
C ASN E 153 2.94 8.84 34.97
N ILE E 154 1.93 9.62 34.64
CA ILE E 154 0.89 9.21 33.71
C ILE E 154 0.88 10.13 32.49
N ASN E 155 1.07 9.52 31.32
CA ASN E 155 0.98 10.18 30.00
C ASN E 155 1.96 11.32 29.73
N VAL E 156 3.00 11.45 30.55
CA VAL E 156 3.94 12.56 30.31
C VAL E 156 4.81 12.23 29.09
N GLU E 157 5.41 11.05 29.10
CA GLU E 157 6.20 10.58 27.97
C GLU E 157 5.32 10.54 26.72
N ASN E 158 4.12 9.99 26.86
CA ASN E 158 3.18 9.90 25.74
C ASN E 158 2.88 11.27 25.12
N ALA E 159 2.66 12.27 25.98
CA ALA E 159 2.29 13.61 25.52
C ALA E 159 3.36 14.18 24.61
N PHE E 160 4.60 14.14 25.08
CA PHE E 160 5.71 14.74 24.35
C PHE E 160 6.05 13.95 23.10
N PHE E 161 5.99 12.63 23.19
CA PHE E 161 6.32 11.81 22.01
C PHE E 161 5.24 11.97 20.97
N THR E 162 3.99 12.06 21.40
CA THR E 162 2.87 12.28 20.49
C THR E 162 3.00 13.62 19.77
N LEU E 163 3.22 14.70 20.54
CA LEU E 163 3.41 16.02 19.95
C LEU E 163 4.58 16.03 18.97
N ALA E 164 5.70 15.42 19.35
CA ALA E 164 6.88 15.41 18.49
C ALA E 164 6.60 14.61 17.22
N ARG E 165 5.89 13.51 17.37
CA ARG E 165 5.58 12.72 16.20
C ARG E 165 4.71 13.49 15.25
N ASP E 166 3.76 14.23 15.75
CA ASP E 166 2.85 15.00 14.92
C ASP E 166 3.57 16.17 14.22
N ILE E 167 4.48 16.83 14.92
CA ILE E 167 5.31 17.85 14.29
C ILE E 167 6.13 17.24 13.14
N LYS E 168 6.76 16.10 13.41
CA LYS E 168 7.64 15.46 12.44
C LYS E 168 6.87 15.00 11.19
N ALA E 169 5.64 14.54 11.38
CA ALA E 169 4.82 14.09 10.26
C ALA E 169 4.41 15.25 9.35
N LYS E 170 4.20 16.42 9.93
CA LYS E 170 3.89 17.62 9.16
C LYS E 170 5.13 18.05 8.38
N MET E 171 6.26 18.00 9.06
CA MET E 171 7.56 18.38 8.50
C MET E 171 8.01 17.47 7.37
N ASP E 172 7.74 16.18 7.50
CA ASP E 172 8.23 15.18 6.55
C ASP E 172 7.46 15.15 5.24
N LYS E 173 6.26 15.73 5.22
CA LYS E 173 5.52 15.88 3.96
C LYS E 173 6.18 16.97 3.12
N LYS E 174 6.17 18.20 3.62
CA LYS E 174 6.94 19.30 3.04
C LYS E 174 6.69 19.48 1.54
MG MG F . -3.65 -17.05 4.21
PG GNP G . -1.65 -16.36 1.79
O1G GNP G . -0.79 -15.22 2.22
O2G GNP G . -3.04 -16.34 2.44
O3G GNP G . -1.74 -16.38 0.28
N3B GNP G . -0.90 -17.73 2.28
PB GNP G . -0.63 -18.22 3.83
O1B GNP G . 0.66 -17.66 4.35
O2B GNP G . -1.89 -17.98 4.65
O3A GNP G . -0.41 -19.77 3.76
PA GNP G . -1.39 -20.99 4.11
O1A GNP G . -1.61 -21.01 5.58
O2A GNP G . -2.53 -20.93 3.17
O5' GNP G . -0.48 -22.25 3.81
C5' GNP G . 0.10 -22.40 2.54
C4' GNP G . 0.37 -23.87 2.30
O4' GNP G . 1.41 -24.34 3.20
C3' GNP G . -0.80 -24.82 2.50
O3' GNP G . -0.72 -25.95 1.59
C2' GNP G . -0.61 -25.33 3.91
O2' GNP G . -1.22 -26.59 4.19
C1' GNP G . 0.91 -25.39 4.00
N9 GNP G . 1.45 -25.28 5.36
C8 GNP G . 1.21 -24.22 6.22
N7 GNP G . 1.80 -24.41 7.37
C5 GNP G . 2.50 -25.60 7.26
C6 GNP G . 3.33 -26.29 8.14
O6 GNP G . 3.61 -25.95 9.30
N1 GNP G . 3.84 -27.48 7.64
C2 GNP G . 3.54 -27.96 6.38
N2 GNP G . 4.12 -29.13 6.03
N3 GNP G . 2.76 -27.32 5.54
C4 GNP G . 2.27 -26.15 6.01
C1 MPD H . -4.70 -5.01 13.27
C2 MPD H . -5.65 -4.17 12.46
O2 MPD H . -5.10 -2.89 12.18
CM MPD H . -5.99 -4.88 11.18
C3 MPD H . -6.89 -4.04 13.32
C4 MPD H . -8.05 -3.25 12.76
O4 MPD H . -9.09 -3.13 13.73
C5 MPD H . -7.62 -1.86 12.47
MG MG I . -19.24 -6.75 -1.26
PG GNP J . -21.27 -7.12 1.21
O1G GNP J . -21.28 -5.84 1.94
O2G GNP J . -19.94 -7.39 0.48
O3G GNP J . -21.59 -8.30 2.10
N3B GNP J . -22.42 -7.10 0.01
PB GNP J . -22.44 -6.09 -1.30
O1B GNP J . -23.07 -4.78 -1.00
O2B GNP J . -21.04 -5.98 -1.89
O3A GNP J . -23.33 -6.82 -2.33
PA GNP J . -22.98 -7.51 -3.72
O1A GNP J . -22.38 -6.50 -4.62
O2A GNP J . -22.24 -8.75 -3.44
O5' GNP J . -24.39 -7.86 -4.34
C5' GNP J . -25.34 -8.67 -3.62
C4' GNP J . -26.29 -9.32 -4.60
O4' GNP J . -27.09 -8.25 -5.23
C3' GNP J . -25.68 -10.12 -5.75
O3' GNP J . -26.44 -11.29 -6.03
C2' GNP J . -25.73 -9.13 -6.90
O2' GNP J . -25.73 -9.74 -8.17
C1' GNP J . -27.02 -8.39 -6.62
N9 GNP J . -27.06 -7.07 -7.22
C8 GNP J . -26.14 -6.07 -7.00
N7 GNP J . -26.40 -4.97 -7.68
C5 GNP J . -27.54 -5.28 -8.39
C6 GNP J . -28.32 -4.50 -9.29
O6 GNP J . -28.11 -3.34 -9.65
N1 GNP J . -29.43 -5.19 -9.78
C2 GNP J . -29.77 -6.49 -9.48
N2 GNP J . -30.88 -7.00 -10.05
N3 GNP J . -29.07 -7.24 -8.63
C4 GNP J . -27.98 -6.56 -8.13
MG MG K . -8.24 -26.26 -15.82
PG GNP L . -7.21 -29.01 -16.98
O1G GNP L . -6.78 -28.79 -18.40
O2G GNP L . -8.33 -28.11 -16.55
O3G GNP L . -7.48 -30.50 -16.77
N3B GNP L . -5.90 -28.68 -16.03
PB GNP L . -5.18 -27.21 -15.82
O1B GNP L . -4.14 -26.96 -16.86
O2B GNP L . -6.22 -26.18 -15.66
O3A GNP L . -4.35 -27.36 -14.44
PA GNP L . -4.72 -26.68 -13.02
O1A GNP L . -4.64 -25.22 -13.09
O2A GNP L . -5.95 -27.33 -12.51
O5' GNP L . -3.49 -27.19 -12.17
C5' GNP L . -3.06 -28.53 -12.10
C4' GNP L . -2.32 -28.82 -10.82
O4' GNP L . -1.07 -28.10 -10.90
C3' GNP L . -2.96 -28.40 -9.51
O3' GNP L . -2.57 -29.32 -8.48
C2' GNP L . -2.38 -27.02 -9.32
O2' GNP L . -2.40 -26.57 -7.98
C1' GNP L . -0.97 -27.21 -9.78
N9 GNP L . -0.30 -26.01 -10.26
C8 GNP L . -0.76 -25.12 -11.18
N7 GNP L . 0.05 -24.13 -11.43
C5 GNP L . 1.15 -24.42 -10.64
C6 GNP L . 2.37 -23.69 -10.47
O6 GNP L . 2.72 -22.65 -11.06
N1 GNP L . 3.23 -24.34 -9.59
C2 GNP L . 2.95 -25.46 -8.89
N2 GNP L . 3.91 -25.90 -8.03
N3 GNP L . 1.80 -26.13 -9.01
C4 GNP L . 0.97 -25.55 -9.89
MG MG M . 28.28 7.85 -11.68
PG GNP N . 28.02 9.21 -8.90
O1G GNP N . 26.79 10.04 -8.95
O2G GNP N . 28.68 9.06 -10.21
O3G GNP N . 28.91 9.82 -7.79
N3B GNP N . 27.60 7.72 -8.38
PB GNP N . 26.65 6.65 -9.21
O1B GNP N . 25.19 6.88 -8.89
O2B GNP N . 27.00 6.64 -10.65
O3A GNP N . 27.02 5.23 -8.65
PA GNP N . 27.79 4.04 -9.35
O1A GNP N . 27.12 3.53 -10.57
O2A GNP N . 29.23 4.48 -9.49
O5' GNP N . 27.76 2.88 -8.24
C5' GNP N . 28.11 3.15 -6.89
C4' GNP N . 28.55 1.88 -6.20
O4' GNP N . 27.41 0.97 -6.12
C3' GNP N . 29.61 1.08 -6.93
O3' GNP N . 30.46 0.40 -5.99
C2' GNP N . 28.84 0.08 -7.77
O2' GNP N . 29.50 -1.13 -8.13
C1' GNP N . 27.69 -0.22 -6.81
N9 GNP N . 26.43 -0.64 -7.42
C8 GNP N . 25.79 0.02 -8.45
N7 GNP N . 24.66 -0.57 -8.81
C5 GNP N . 24.57 -1.66 -7.94
C6 GNP N . 23.56 -2.65 -7.83
O6 GNP N . 22.53 -2.80 -8.49
N1 GNP N . 23.86 -3.58 -6.84
C2 GNP N . 24.96 -3.56 -6.06
N2 GNP N . 25.06 -4.55 -5.13
N3 GNP N . 25.92 -2.64 -6.13
C4 GNP N . 25.64 -1.73 -7.10
MG MG O . 6.72 26.63 36.56
PG GNP P . 4.31 28.49 37.30
O1G GNP P . 3.64 28.86 36.03
O2G GNP P . 5.77 28.27 37.16
O3G GNP P . 4.02 29.59 38.34
N3B GNP P . 3.62 27.13 37.90
PB GNP P . 3.72 25.63 37.19
O1B GNP P . 2.61 25.42 36.20
O2B GNP P . 5.08 25.39 36.72
O3A GNP P . 3.44 24.61 38.37
PA GNP P . 4.42 23.65 39.13
O1A GNP P . 5.02 22.63 38.23
O2A GNP P . 5.37 24.50 39.94
O5' GNP P . 3.46 22.88 40.13
C5' GNP P . 2.50 23.60 40.91
C4' GNP P . 2.10 22.78 42.12
O4' GNP P . 1.35 21.60 41.67
C3' GNP P . 3.24 22.26 42.95
O3' GNP P . 2.82 22.20 44.33
C2' GNP P . 3.47 20.87 42.39
O2' GNP P . 4.07 20.00 43.31
C1' GNP P . 2.06 20.45 42.08
N9 GNP P . 1.91 19.45 41.03
C8 GNP P . 2.41 19.59 39.76
N7 GNP P . 2.12 18.58 38.98
C5 GNP P . 1.37 17.71 39.79
C6 GNP P . 0.76 16.47 39.54
O6 GNP P . 0.78 15.81 38.49
N1 GNP P . 0.08 15.95 40.64
C2 GNP P . 0.01 16.57 41.86
N2 GNP P . -0.68 15.92 42.83
N3 GNP P . 0.58 17.73 42.14
C4 GNP P . 1.22 18.25 41.05
#